data_3QV6
#
_entry.id   3QV6
#
_cell.length_a   130.053
_cell.length_b   127.495
_cell.length_c   118.168
_cell.angle_alpha   90.00
_cell.angle_beta   116.19
_cell.angle_gamma   90.00
#
_symmetry.space_group_name_H-M   'C 1 2 1'
#
loop_
_entity.id
_entity.type
_entity.pdbx_description
1 polymer 'Pyruvate kinase'
2 non-polymer '3-({4-[(2,4-dimethyl-5-sulfophenyl)amino]-9,10-dioxo-9,10-dihydroanthracen-1-yl}amino)-2,4,6-trimethylbenzenesulfonic acid'
3 non-polymer 'POTASSIUM ION'
4 non-polymer 'PHOSPHATE ION'
5 water water
#
_entity_poly.entity_id   1
_entity_poly.type   'polypeptide(L)'
_entity_poly.pdbx_seq_one_letter_code
;MSQLAHNLTLSIFDPVANYRAARIICTIGPSTQSVEALKGLIQSGMSVARMNFSHGSHEYHQTTINNVRQAAAELGVNIA
IALDTKGPEIRTGQFVGGDAVMERGATCYVTTDPAFADKGTKDKFYIDYQNLSKVVRPGNYIYIDDGILILQVQSHEDEQ
TLECTVTNSHTISDRRGVNLPGCDVDLPAVSAKDRVDLQFGVEQGVDMIFASFIRSAEQVGDVRKALGPKGRDIMIICKI
ENHQGVQNIDSIIEESDGIMVARGDLGVEIPAEKVVVAQKILISKCNVAGKPVICATQMLESMTYNPRPTRAEVSDVANA
VFNGADCVMLSGETAKGKYPNEVVQYMARICLEAQSALNEYVFFNSIKKLQHIPMSADEAVCSSAVNSVYETKAKAMVVL
SNTGRSARLVAKYRPNCPIVCVTTRLQTCRQLNITQGVESVFFDADKLGHDEGKEHRVAAGVEFAKSKGYVQTGDYCVVI
HADHKVKGYANQTRILLVE
;
_entity_poly.pdbx_strand_id   A,D
#
loop_
_chem_comp.id
_chem_comp.type
_chem_comp.name
_chem_comp.formula
K non-polymer 'POTASSIUM ION' 'K 1'
PO4 non-polymer 'PHOSPHATE ION' 'O4 P -3'
QV6 non-polymer '3-({4-[(2,4-dimethyl-5-sulfophenyl)amino]-9,10-dioxo-9,10-dihydroanthracen-1-yl}amino)-2,4,6-trimethylbenzenesulfonic acid' 'C31 H28 N2 O8 S2'
#
# COMPACT_ATOMS: atom_id res chain seq x y z
N SER A 2 -6.43 2.01 17.11
CA SER A 2 -5.40 2.93 17.67
C SER A 2 -4.63 3.71 16.61
N GLN A 3 -4.38 3.11 15.46
CA GLN A 3 -3.96 3.89 14.29
C GLN A 3 -5.17 4.70 13.82
N LEU A 4 -6.34 4.06 13.86
CA LEU A 4 -7.62 4.70 13.58
C LEU A 4 -7.85 5.86 14.56
N ALA A 5 -7.63 5.58 15.85
CA ALA A 5 -7.80 6.58 16.91
C ALA A 5 -6.80 7.73 16.78
N HIS A 6 -5.58 7.42 16.35
CA HIS A 6 -4.54 8.41 16.16
C HIS A 6 -4.89 9.37 15.02
N ASN A 7 -5.51 8.83 13.97
CA ASN A 7 -5.95 9.62 12.83
C ASN A 7 -6.93 10.75 13.19
N LEU A 8 -7.78 10.49 14.18
CA LEU A 8 -8.81 11.44 14.60
C LEU A 8 -8.21 12.71 15.21
N THR A 9 -7.11 12.55 15.93
CA THR A 9 -6.45 13.66 16.63
C THR A 9 -5.56 14.50 15.71
N LEU A 10 -5.21 13.95 14.55
CA LEU A 10 -4.28 14.61 13.63
C LEU A 10 -4.86 15.88 12.99
N SER A 11 -3.97 16.83 12.71
CA SER A 11 -4.31 18.03 11.97
C SER A 11 -3.21 18.31 10.95
N ILE A 12 -3.60 18.44 9.69
CA ILE A 12 -2.64 18.60 8.60
C ILE A 12 -1.93 19.96 8.62
N PHE A 13 -2.29 20.81 9.57
CA PHE A 13 -1.71 22.15 9.68
C PHE A 13 -0.71 22.25 10.85
N ASP A 14 -0.71 21.24 11.72
CA ASP A 14 0.29 21.12 12.77
C ASP A 14 1.68 20.85 12.17
N PRO A 15 2.74 21.44 12.75
CA PRO A 15 4.10 21.27 12.23
C PRO A 15 4.57 19.82 12.24
N VAL A 16 5.41 19.47 11.26
CA VAL A 16 5.96 18.11 11.14
C VAL A 16 6.93 17.75 12.27
N ALA A 17 7.35 16.49 12.32
CA ALA A 17 8.31 16.03 13.32
C ALA A 17 9.69 16.65 13.11
N ASN A 18 10.47 16.69 14.19
CA ASN A 18 11.80 17.29 14.16
C ASN A 18 12.92 16.34 13.71
N TYR A 19 12.53 15.19 13.16
CA TYR A 19 13.46 14.20 12.61
C TYR A 19 12.73 13.24 11.66
N ARG A 20 13.46 12.73 10.67
CA ARG A 20 12.93 11.73 9.76
C ARG A 20 13.51 10.35 10.11
N ALA A 21 12.63 9.38 10.34
CA ALA A 21 13.03 8.03 10.72
C ALA A 21 13.44 7.18 9.52
N ALA A 22 12.60 7.18 8.48
CA ALA A 22 12.86 6.42 7.26
C ALA A 22 14.13 6.91 6.58
N ARG A 23 14.79 6.01 5.86
CA ARG A 23 16.07 6.31 5.21
C ARG A 23 15.97 6.25 3.69
N ILE A 24 16.73 7.09 3.00
CA ILE A 24 16.67 7.19 1.55
C ILE A 24 17.93 6.61 0.87
N ILE A 25 17.70 5.66 -0.04
CA ILE A 25 18.76 5.06 -0.84
C ILE A 25 18.71 5.58 -2.27
N CYS A 26 19.85 6.06 -2.77
CA CYS A 26 19.94 6.60 -4.12
C CYS A 26 20.87 5.78 -5.01
N THR A 27 20.38 5.46 -6.20
CA THR A 27 21.20 4.81 -7.23
C THR A 27 22.05 5.85 -7.93
N ILE A 28 23.36 5.61 -7.95
CA ILE A 28 24.33 6.52 -8.57
C ILE A 28 24.44 6.24 -10.06
N GLY A 29 24.37 7.31 -10.86
CA GLY A 29 24.53 7.21 -12.30
C GLY A 29 25.11 8.52 -12.83
N PRO A 30 25.22 8.64 -14.17
CA PRO A 30 25.84 9.82 -14.79
C PRO A 30 25.27 11.15 -14.29
N SER A 31 24.03 11.12 -13.82
CA SER A 31 23.35 12.32 -13.33
C SER A 31 23.84 12.73 -11.95
N THR A 32 24.53 11.82 -11.25
CA THR A 32 24.92 12.05 -9.85
C THR A 32 26.29 11.50 -9.42
N GLN A 33 27.12 11.08 -10.36
CA GLN A 33 28.39 10.42 -10.02
C GLN A 33 29.48 11.39 -9.55
N SER A 34 29.46 12.63 -10.03
CA SER A 34 30.46 13.63 -9.67
C SER A 34 30.39 13.97 -8.18
N VAL A 35 31.52 14.45 -7.64
CA VAL A 35 31.64 14.78 -6.21
C VAL A 35 30.62 15.83 -5.77
N GLU A 36 30.46 16.90 -6.56
CA GLU A 36 29.53 17.97 -6.22
C GLU A 36 28.06 17.56 -6.37
N ALA A 37 27.78 16.65 -7.31
CA ALA A 37 26.43 16.11 -7.46
C ALA A 37 26.06 15.20 -6.28
N LEU A 38 27.07 14.47 -5.78
CA LEU A 38 26.91 13.61 -4.62
C LEU A 38 26.77 14.38 -3.32
N LYS A 39 27.48 15.51 -3.24
CA LYS A 39 27.33 16.41 -2.10
C LYS A 39 25.92 17.00 -2.10
N GLY A 40 25.37 17.20 -3.29
CA GLY A 40 23.99 17.65 -3.47
C GLY A 40 23.00 16.66 -2.91
N LEU A 41 23.19 15.38 -3.22
CA LEU A 41 22.32 14.30 -2.74
C LEU A 41 22.38 14.08 -1.23
N ILE A 42 23.59 14.20 -0.66
CA ILE A 42 23.77 14.02 0.78
C ILE A 42 22.99 15.08 1.57
N GLN A 43 23.05 16.32 1.09
CA GLN A 43 22.31 17.42 1.72
C GLN A 43 20.80 17.30 1.47
N SER A 44 20.44 16.61 0.39
CA SER A 44 19.04 16.37 0.05
C SER A 44 18.41 15.26 0.88
N GLY A 45 19.24 14.39 1.45
CA GLY A 45 18.76 13.35 2.35
C GLY A 45 19.18 11.92 2.03
N MET A 46 20.23 11.75 1.24
CA MET A 46 20.75 10.42 0.93
C MET A 46 21.55 9.87 2.09
N SER A 47 21.28 8.61 2.43
CA SER A 47 22.05 7.89 3.44
C SER A 47 22.85 6.74 2.81
N VAL A 48 22.32 6.17 1.74
CA VAL A 48 22.97 5.04 1.07
C VAL A 48 23.14 5.29 -0.42
N ALA A 49 24.36 5.03 -0.90
CA ALA A 49 24.68 5.10 -2.33
C ALA A 49 24.67 3.70 -2.93
N ARG A 50 23.78 3.47 -3.89
CA ARG A 50 23.64 2.18 -4.53
C ARG A 50 24.31 2.13 -5.90
N MET A 51 25.21 1.17 -6.10
CA MET A 51 25.82 0.94 -7.40
C MET A 51 25.12 -0.23 -8.11
N ASN A 52 24.64 0.01 -9.33
CA ASN A 52 24.00 -1.05 -10.10
C ASN A 52 25.01 -1.75 -11.02
N PHE A 53 25.50 -2.89 -10.57
CA PHE A 53 26.53 -3.64 -11.30
C PHE A 53 26.02 -4.41 -12.51
N SER A 54 24.78 -4.12 -12.94
CA SER A 54 24.28 -4.62 -14.21
C SER A 54 24.91 -3.83 -15.35
N HIS A 55 25.37 -2.63 -15.03
CA HIS A 55 25.92 -1.70 -16.02
C HIS A 55 27.14 -0.96 -15.47
N GLY A 56 28.08 -0.65 -16.35
CA GLY A 56 29.33 0.01 -15.96
C GLY A 56 30.39 -0.97 -15.49
N SER A 57 31.64 -0.64 -15.80
CA SER A 57 32.79 -1.49 -15.45
C SER A 57 33.25 -1.26 -14.01
N HIS A 58 34.23 -2.05 -13.58
CA HIS A 58 34.86 -1.88 -12.28
C HIS A 58 35.45 -0.48 -12.14
N GLU A 59 36.00 0.05 -13.23
CA GLU A 59 36.55 1.39 -13.27
C GLU A 59 35.46 2.41 -12.98
N TYR A 60 34.27 2.19 -13.55
CA TYR A 60 33.14 3.09 -13.37
C TYR A 60 32.68 3.11 -11.91
N HIS A 61 32.55 1.94 -11.32
CA HIS A 61 32.09 1.83 -9.94
C HIS A 61 33.20 2.17 -8.94
N GLN A 62 34.44 2.07 -9.39
CA GLN A 62 35.58 2.56 -8.60
C GLN A 62 35.46 4.06 -8.40
N THR A 63 35.08 4.76 -9.47
CA THR A 63 34.87 6.21 -9.45
C THR A 63 33.78 6.57 -8.42
N THR A 64 32.67 5.84 -8.48
CA THR A 64 31.56 6.03 -7.53
C THR A 64 32.05 5.91 -6.09
N ILE A 65 32.72 4.80 -5.77
CA ILE A 65 33.25 4.53 -4.43
C ILE A 65 34.12 5.68 -3.91
N ASN A 66 35.06 6.15 -4.74
CA ASN A 66 35.96 7.23 -4.34
C ASN A 66 35.24 8.57 -4.18
N ASN A 67 34.38 8.90 -5.14
CA ASN A 67 33.56 10.12 -5.11
C ASN A 67 32.55 10.15 -3.97
N VAL A 68 31.96 9.00 -3.63
CA VAL A 68 31.03 8.90 -2.51
C VAL A 68 31.79 9.09 -1.20
N ARG A 69 32.98 8.48 -1.11
CA ARG A 69 33.83 8.65 0.06
C ARG A 69 34.33 10.08 0.22
N GLN A 70 34.71 10.72 -0.88
CA GLN A 70 35.18 12.10 -0.86
C GLN A 70 34.04 13.06 -0.45
N ALA A 71 32.90 12.92 -1.11
CA ALA A 71 31.73 13.77 -0.85
C ALA A 71 31.24 13.68 0.60
N ALA A 72 31.33 12.47 1.18
CA ALA A 72 30.93 12.25 2.57
C ALA A 72 31.91 12.88 3.57
N ALA A 73 33.21 12.71 3.32
CA ALA A 73 34.25 13.27 4.17
C ALA A 73 34.20 14.79 4.22
N GLU A 74 34.02 15.42 3.06
CA GLU A 74 33.96 16.87 2.93
C GLU A 74 32.77 17.48 3.66
N LEU A 75 31.75 16.66 3.93
CA LEU A 75 30.57 17.11 4.67
C LEU A 75 30.56 16.58 6.11
N GLY A 76 31.55 15.75 6.43
CA GLY A 76 31.70 15.20 7.79
C GLY A 76 30.55 14.31 8.20
N VAL A 77 30.06 13.50 7.27
CA VAL A 77 28.97 12.56 7.51
C VAL A 77 29.36 11.17 7.03
N ASN A 78 28.65 10.16 7.54
CA ASN A 78 28.89 8.77 7.11
C ASN A 78 27.81 8.29 6.13
N ILE A 79 28.26 7.78 4.99
CA ILE A 79 27.37 7.30 3.95
C ILE A 79 27.70 5.85 3.62
N ALA A 80 26.67 5.01 3.54
CA ALA A 80 26.86 3.61 3.20
C ALA A 80 27.01 3.40 1.70
N ILE A 81 27.88 2.47 1.34
CA ILE A 81 28.05 2.07 -0.06
C ILE A 81 27.45 0.68 -0.25
N ALA A 82 26.54 0.58 -1.23
CA ALA A 82 25.84 -0.67 -1.50
C ALA A 82 26.13 -1.20 -2.91
N LEU A 83 26.47 -2.48 -2.99
CA LEU A 83 26.74 -3.15 -4.26
C LEU A 83 25.53 -3.97 -4.68
N ASP A 84 24.85 -3.51 -5.73
CA ASP A 84 23.71 -4.24 -6.27
C ASP A 84 24.22 -5.14 -7.40
N THR A 85 24.24 -6.45 -7.13
CA THR A 85 24.85 -7.44 -8.04
C THR A 85 24.09 -7.56 -9.35
N LYS A 86 24.83 -7.91 -10.40
CA LYS A 86 24.22 -8.19 -11.70
C LYS A 86 23.24 -9.36 -11.58
N GLY A 87 23.66 -10.40 -10.87
CA GLY A 87 22.85 -11.59 -10.67
C GLY A 87 22.74 -12.43 -11.93
N PRO A 88 22.08 -13.59 -11.83
CA PRO A 88 21.87 -14.42 -13.00
C PRO A 88 20.98 -13.71 -14.01
N GLU A 89 21.26 -13.91 -15.30
CA GLU A 89 20.45 -13.33 -16.36
C GLU A 89 20.33 -14.25 -17.57
N ILE A 90 19.12 -14.37 -18.09
CA ILE A 90 18.84 -15.10 -19.32
C ILE A 90 18.79 -14.08 -20.46
N ARG A 91 19.58 -14.32 -21.50
CA ARG A 91 19.61 -13.42 -22.65
C ARG A 91 19.49 -14.17 -23.96
N THR A 92 19.00 -13.49 -24.99
CA THR A 92 19.01 -14.04 -26.35
C THR A 92 20.43 -14.01 -26.92
N GLY A 93 20.61 -14.68 -28.05
CA GLY A 93 21.88 -14.64 -28.76
C GLY A 93 21.96 -13.45 -29.70
N GLN A 94 22.93 -13.52 -30.61
CA GLN A 94 23.14 -12.47 -31.59
C GLN A 94 22.22 -12.70 -32.78
N PHE A 95 21.92 -11.62 -33.50
CA PHE A 95 21.11 -11.69 -34.71
C PHE A 95 21.93 -11.26 -35.91
N VAL A 96 21.60 -11.83 -37.08
CA VAL A 96 22.17 -11.37 -38.34
C VAL A 96 21.17 -10.42 -39.01
N GLY A 97 21.57 -9.16 -39.21
CA GLY A 97 22.84 -8.64 -38.74
C GLY A 97 22.61 -7.47 -37.81
N GLY A 98 22.58 -7.74 -36.51
CA GLY A 98 22.42 -6.70 -35.49
C GLY A 98 21.09 -6.76 -34.76
N ASP A 99 20.01 -6.94 -35.53
CA ASP A 99 18.65 -7.01 -34.98
C ASP A 99 17.76 -8.01 -35.71
N ALA A 100 16.49 -8.05 -35.31
CA ALA A 100 15.45 -8.83 -35.98
C ALA A 100 14.10 -8.22 -35.63
N VAL A 101 13.31 -7.95 -36.67
CA VAL A 101 11.99 -7.34 -36.49
C VAL A 101 10.88 -8.40 -36.34
N MET A 102 10.25 -8.41 -35.17
CA MET A 102 9.21 -9.39 -34.85
C MET A 102 7.83 -8.85 -35.19
N GLU A 103 7.23 -9.40 -36.24
CA GLU A 103 5.86 -9.05 -36.63
C GLU A 103 4.87 -9.73 -35.70
N ARG A 104 3.81 -9.00 -35.33
CA ARG A 104 2.72 -9.54 -34.52
C ARG A 104 1.97 -10.61 -35.29
N GLY A 105 1.79 -11.78 -34.65
CA GLY A 105 1.07 -12.89 -35.28
C GLY A 105 1.98 -13.87 -36.00
N ALA A 106 3.25 -13.51 -36.15
CA ALA A 106 4.24 -14.37 -36.81
C ALA A 106 4.68 -15.50 -35.90
N THR A 107 5.02 -16.65 -36.50
CA THR A 107 5.53 -17.79 -35.78
C THR A 107 7.06 -17.75 -35.79
N CYS A 108 7.66 -18.00 -34.64
CA CYS A 108 9.12 -18.08 -34.53
C CYS A 108 9.56 -19.20 -33.60
N TYR A 109 10.84 -19.56 -33.66
CA TYR A 109 11.36 -20.69 -32.91
C TYR A 109 12.50 -20.29 -31.99
N VAL A 110 12.27 -20.42 -30.69
CA VAL A 110 13.33 -20.17 -29.72
C VAL A 110 14.06 -21.48 -29.45
N THR A 111 15.36 -21.48 -29.71
CA THR A 111 16.17 -22.67 -29.53
C THR A 111 17.22 -22.47 -28.45
N THR A 112 17.53 -23.57 -27.76
CA THR A 112 18.53 -23.56 -26.70
C THR A 112 19.87 -24.10 -27.20
N ASP A 113 19.91 -24.43 -28.50
CA ASP A 113 21.09 -24.99 -29.15
C ASP A 113 22.12 -23.89 -29.49
N PRO A 114 23.33 -23.98 -28.90
CA PRO A 114 24.39 -22.98 -29.03
C PRO A 114 24.83 -22.70 -30.47
N ALA A 115 24.56 -23.63 -31.39
CA ALA A 115 24.94 -23.46 -32.79
C ALA A 115 24.21 -22.30 -33.46
N PHE A 116 23.19 -21.76 -32.78
CA PHE A 116 22.42 -20.62 -33.27
C PHE A 116 22.70 -19.33 -32.48
N ALA A 117 23.74 -19.36 -31.66
CA ALA A 117 24.12 -18.21 -30.83
C ALA A 117 24.47 -16.97 -31.65
N ASP A 118 24.98 -17.17 -32.86
CA ASP A 118 25.47 -16.07 -33.68
C ASP A 118 24.77 -15.89 -35.03
N LYS A 119 23.75 -16.71 -35.30
CA LYS A 119 22.98 -16.58 -36.55
C LYS A 119 21.46 -16.51 -36.31
N GLY A 120 21.05 -15.75 -35.30
CA GLY A 120 19.63 -15.56 -35.01
C GLY A 120 18.92 -14.74 -36.08
N THR A 121 17.66 -15.09 -36.35
CA THR A 121 16.82 -14.32 -37.26
C THR A 121 15.43 -14.13 -36.66
N LYS A 122 14.55 -13.48 -37.42
CA LYS A 122 13.16 -13.31 -37.01
C LYS A 122 12.45 -14.66 -36.84
N ASP A 123 12.90 -15.67 -37.58
CA ASP A 123 12.24 -16.98 -37.61
C ASP A 123 12.75 -17.96 -36.55
N LYS A 124 14.07 -18.00 -36.35
CA LYS A 124 14.68 -18.86 -35.34
C LYS A 124 15.87 -18.16 -34.69
N PHE A 125 15.87 -18.13 -33.35
CA PHE A 125 16.96 -17.51 -32.60
C PHE A 125 17.23 -18.17 -31.25
N TYR A 126 18.39 -17.85 -30.69
CA TYR A 126 18.94 -18.52 -29.51
C TYR A 126 18.53 -17.86 -28.19
N ILE A 127 18.32 -18.68 -27.17
CA ILE A 127 18.16 -18.23 -25.77
C ILE A 127 19.13 -19.05 -24.92
N ASP A 128 19.92 -18.37 -24.09
CA ASP A 128 21.13 -18.97 -23.48
C ASP A 128 20.93 -19.83 -22.23
N TYR A 129 19.70 -20.01 -21.80
CA TYR A 129 19.40 -20.80 -20.61
C TYR A 129 19.05 -22.24 -21.01
N GLN A 130 19.94 -23.16 -20.70
CA GLN A 130 19.88 -24.54 -21.23
C GLN A 130 18.62 -25.34 -20.86
N ASN A 131 18.12 -25.11 -19.64
CA ASN A 131 16.94 -25.82 -19.15
C ASN A 131 15.61 -25.20 -19.59
N LEU A 132 15.65 -24.23 -20.49
CA LEU A 132 14.46 -23.53 -20.96
C LEU A 132 13.32 -24.47 -21.35
N SER A 133 13.70 -25.60 -21.97
CA SER A 133 12.71 -26.58 -22.43
C SER A 133 12.05 -27.34 -21.28
N LYS A 134 12.80 -27.51 -20.19
CA LYS A 134 12.29 -28.22 -19.01
C LYS A 134 11.29 -27.40 -18.20
N VAL A 135 11.56 -26.09 -18.07
CA VAL A 135 10.78 -25.24 -17.15
C VAL A 135 9.55 -24.58 -17.79
N VAL A 136 9.57 -24.42 -19.11
CA VAL A 136 8.48 -23.76 -19.83
C VAL A 136 7.54 -24.79 -20.45
N ARG A 137 6.24 -24.54 -20.34
CA ARG A 137 5.20 -25.40 -20.91
C ARG A 137 4.39 -24.60 -21.92
N PRO A 138 3.85 -25.27 -22.96
CA PRO A 138 2.94 -24.61 -23.91
C PRO A 138 1.82 -23.83 -23.20
N GLY A 139 1.61 -22.58 -23.62
CA GLY A 139 0.66 -21.67 -22.96
C GLY A 139 1.37 -20.59 -22.16
N ASN A 140 2.57 -20.91 -21.64
CA ASN A 140 3.42 -19.95 -20.94
C ASN A 140 3.87 -18.81 -21.85
N TYR A 141 4.42 -17.77 -21.23
CA TYR A 141 4.87 -16.60 -21.96
C TYR A 141 6.36 -16.36 -21.73
N ILE A 142 7.02 -15.81 -22.74
CA ILE A 142 8.41 -15.40 -22.62
C ILE A 142 8.48 -13.90 -22.91
N TYR A 143 9.05 -13.15 -21.97
CA TYR A 143 9.24 -11.71 -22.16
C TYR A 143 10.66 -11.45 -22.62
N ILE A 144 10.80 -10.65 -23.67
CA ILE A 144 12.12 -10.29 -24.19
C ILE A 144 12.24 -8.77 -24.28
N ASP A 145 13.44 -8.27 -23.95
CA ASP A 145 13.76 -6.83 -24.03
C ASP A 145 12.90 -6.03 -23.05
N ASP A 146 13.22 -6.12 -21.76
CA ASP A 146 12.46 -5.46 -20.69
C ASP A 146 10.94 -5.71 -20.75
N GLY A 147 10.56 -6.89 -21.23
CA GLY A 147 9.15 -7.27 -21.28
C GLY A 147 8.34 -6.55 -22.33
N ILE A 148 9.02 -5.89 -23.27
CA ILE A 148 8.36 -5.22 -24.40
C ILE A 148 7.89 -6.27 -25.42
N LEU A 149 8.75 -7.22 -25.73
CA LEU A 149 8.40 -8.32 -26.61
C LEU A 149 7.80 -9.47 -25.80
N ILE A 150 6.51 -9.72 -26.02
CA ILE A 150 5.82 -10.84 -25.39
C ILE A 150 5.46 -11.84 -26.48
N LEU A 151 5.91 -13.09 -26.30
CA LEU A 151 5.57 -14.17 -27.21
C LEU A 151 5.07 -15.40 -26.44
N GLN A 152 4.11 -16.11 -27.03
CA GLN A 152 3.49 -17.26 -26.39
C GLN A 152 3.98 -18.57 -27.01
N VAL A 153 4.43 -19.47 -26.15
CA VAL A 153 4.91 -20.78 -26.58
C VAL A 153 3.74 -21.70 -26.96
N GLN A 154 3.79 -22.22 -28.19
CA GLN A 154 2.71 -23.01 -28.77
C GLN A 154 2.91 -24.51 -28.55
N SER A 155 4.11 -24.99 -28.88
CA SER A 155 4.43 -26.41 -28.79
C SER A 155 5.93 -26.64 -28.68
N HIS A 156 6.31 -27.85 -28.29
CA HIS A 156 7.70 -28.29 -28.33
C HIS A 156 8.04 -28.82 -29.71
N GLU A 157 8.88 -28.10 -30.44
CA GLU A 157 9.36 -28.55 -31.76
C GLU A 157 10.27 -29.76 -31.58
N ASP A 158 11.18 -29.67 -30.63
CA ASP A 158 11.95 -30.80 -30.13
C ASP A 158 12.41 -30.49 -28.70
N GLU A 159 13.34 -31.27 -28.17
CA GLU A 159 13.82 -31.07 -26.79
C GLU A 159 14.73 -29.84 -26.64
N GLN A 160 14.98 -29.15 -27.74
CA GLN A 160 15.87 -27.99 -27.75
C GLN A 160 15.22 -26.70 -28.24
N THR A 161 14.18 -26.83 -29.06
CA THR A 161 13.52 -25.64 -29.60
C THR A 161 12.02 -25.61 -29.30
N LEU A 162 11.48 -24.41 -29.13
CA LEU A 162 10.06 -24.21 -28.90
C LEU A 162 9.45 -23.43 -30.04
N GLU A 163 8.22 -23.80 -30.41
CA GLU A 163 7.46 -23.01 -31.36
C GLU A 163 6.73 -21.91 -30.60
N CYS A 164 6.85 -20.68 -31.07
CA CYS A 164 6.26 -19.53 -30.42
C CYS A 164 5.49 -18.67 -31.41
N THR A 165 4.54 -17.89 -30.88
CA THR A 165 3.85 -16.87 -31.66
C THR A 165 4.08 -15.50 -31.07
N VAL A 166 4.44 -14.55 -31.93
CA VAL A 166 4.75 -13.19 -31.52
C VAL A 166 3.46 -12.40 -31.25
N THR A 167 3.23 -12.08 -29.97
CA THR A 167 2.06 -11.31 -29.54
C THR A 167 2.25 -9.81 -29.80
N ASN A 168 3.51 -9.37 -29.83
CA ASN A 168 3.88 -7.96 -29.86
C ASN A 168 4.77 -7.61 -31.05
N SER A 169 4.36 -6.62 -31.83
CA SER A 169 5.25 -6.05 -32.83
C SER A 169 6.37 -5.28 -32.14
N HIS A 170 7.60 -5.81 -32.22
CA HIS A 170 8.78 -5.17 -31.63
C HIS A 170 10.07 -5.66 -32.27
N THR A 171 10.98 -4.73 -32.52
CA THR A 171 12.31 -5.04 -33.05
C THR A 171 13.29 -5.24 -31.89
N ILE A 172 13.93 -6.41 -31.86
CA ILE A 172 14.88 -6.74 -30.79
C ILE A 172 16.33 -6.81 -31.29
N SER A 173 17.24 -6.33 -30.44
CA SER A 173 18.65 -6.21 -30.78
C SER A 173 19.45 -7.43 -30.30
N ASP A 174 20.77 -7.38 -30.46
CA ASP A 174 21.68 -8.42 -29.96
C ASP A 174 21.61 -8.60 -28.45
N ARG A 175 21.56 -9.85 -28.02
CA ARG A 175 21.68 -10.24 -26.61
C ARG A 175 20.74 -9.54 -25.62
N ARG A 176 19.45 -9.55 -25.95
CA ARG A 176 18.43 -8.95 -25.08
C ARG A 176 18.03 -9.87 -23.93
N GLY A 177 17.81 -9.27 -22.76
CA GLY A 177 17.36 -10.00 -21.58
C GLY A 177 15.96 -10.58 -21.71
N VAL A 178 15.79 -11.79 -21.18
CA VAL A 178 14.52 -12.52 -21.27
C VAL A 178 13.97 -12.96 -19.91
N ASN A 179 12.66 -12.79 -19.74
CA ASN A 179 11.95 -13.22 -18.54
C ASN A 179 11.08 -14.44 -18.76
N LEU A 180 10.97 -15.26 -17.72
CA LEU A 180 10.17 -16.49 -17.75
C LEU A 180 9.10 -16.46 -16.65
N PRO A 181 8.03 -15.66 -16.83
CA PRO A 181 7.03 -15.46 -15.78
C PRO A 181 6.39 -16.77 -15.30
N GLY A 182 6.36 -16.95 -13.99
CA GLY A 182 5.74 -18.14 -13.39
C GLY A 182 6.61 -19.38 -13.38
N CYS A 183 7.69 -19.37 -14.15
CA CYS A 183 8.58 -20.53 -14.25
C CYS A 183 9.57 -20.60 -13.10
N ASP A 184 9.92 -21.83 -12.70
CA ASP A 184 10.92 -22.07 -11.68
C ASP A 184 12.32 -22.12 -12.27
N VAL A 185 12.98 -20.97 -12.33
CA VAL A 185 14.33 -20.86 -12.88
C VAL A 185 15.34 -21.38 -11.86
N ASP A 186 16.22 -22.28 -12.32
CA ASP A 186 17.20 -22.92 -11.44
C ASP A 186 18.64 -22.48 -11.71
N LEU A 187 18.80 -21.23 -12.15
CA LEU A 187 20.13 -20.66 -12.36
C LEU A 187 20.87 -20.57 -11.03
N PRO A 188 22.22 -20.60 -11.06
CA PRO A 188 23.00 -20.49 -9.82
C PRO A 188 22.71 -19.21 -9.03
N ALA A 189 22.90 -19.28 -7.72
CA ALA A 189 22.69 -18.13 -6.83
C ALA A 189 23.55 -16.96 -7.28
N VAL A 190 24.86 -17.20 -7.36
CA VAL A 190 25.81 -16.22 -7.87
C VAL A 190 26.35 -16.70 -9.21
N SER A 191 26.46 -15.77 -10.15
CA SER A 191 27.07 -16.06 -11.45
C SER A 191 28.60 -16.01 -11.34
N ALA A 192 29.28 -16.37 -12.41
CA ALA A 192 30.73 -16.28 -12.46
C ALA A 192 31.19 -14.82 -12.35
N LYS A 193 30.43 -13.92 -12.98
CA LYS A 193 30.69 -12.48 -12.91
C LYS A 193 30.41 -11.93 -11.51
N ASP A 194 29.37 -12.45 -10.87
CA ASP A 194 29.02 -12.05 -9.50
C ASP A 194 30.17 -12.28 -8.54
N ARG A 195 30.78 -13.46 -8.62
CA ARG A 195 31.94 -13.81 -7.78
C ARG A 195 33.09 -12.82 -7.94
N VAL A 196 33.26 -12.31 -9.16
CA VAL A 196 34.29 -11.30 -9.44
C VAL A 196 33.91 -9.96 -8.83
N ASP A 197 32.65 -9.55 -9.04
CA ASP A 197 32.15 -8.27 -8.54
C ASP A 197 32.09 -8.19 -7.02
N LEU A 198 31.74 -9.30 -6.38
CA LEU A 198 31.68 -9.41 -4.92
C LEU A 198 33.09 -9.34 -4.34
N GLN A 199 34.02 -10.04 -4.98
CA GLN A 199 35.44 -9.99 -4.64
C GLN A 199 35.94 -8.54 -4.59
N PHE A 200 35.63 -7.82 -5.66
CA PHE A 200 35.91 -6.38 -5.78
C PHE A 200 35.28 -5.60 -4.62
N GLY A 201 34.01 -5.89 -4.34
CA GLY A 201 33.28 -5.25 -3.25
C GLY A 201 33.95 -5.37 -1.89
N VAL A 202 34.46 -6.57 -1.59
CA VAL A 202 35.20 -6.82 -0.34
C VAL A 202 36.52 -6.03 -0.32
N GLU A 203 37.25 -6.05 -1.44
CA GLU A 203 38.54 -5.37 -1.55
C GLU A 203 38.39 -3.86 -1.43
N GLN A 204 37.25 -3.35 -1.88
CA GLN A 204 36.96 -1.91 -1.82
C GLN A 204 36.23 -1.52 -0.54
N GLY A 205 35.88 -2.52 0.26
CA GLY A 205 35.27 -2.30 1.57
C GLY A 205 33.86 -1.75 1.50
N VAL A 206 33.01 -2.38 0.70
CA VAL A 206 31.60 -2.00 0.63
C VAL A 206 30.89 -2.43 1.92
N ASP A 207 29.79 -1.76 2.23
CA ASP A 207 29.08 -1.99 3.48
C ASP A 207 28.00 -3.07 3.38
N MET A 208 27.40 -3.19 2.20
CA MET A 208 26.30 -4.13 2.00
C MET A 208 26.17 -4.60 0.54
N ILE A 209 25.61 -5.80 0.40
CA ILE A 209 25.33 -6.40 -0.91
C ILE A 209 23.84 -6.50 -1.14
N PHE A 210 23.35 -5.88 -2.22
CA PHE A 210 21.99 -6.10 -2.66
C PHE A 210 22.01 -7.30 -3.61
N ALA A 211 21.88 -8.49 -3.02
CA ALA A 211 21.99 -9.74 -3.77
C ALA A 211 20.76 -9.99 -4.63
N SER A 212 20.96 -9.99 -5.95
CA SER A 212 19.88 -10.12 -6.92
C SER A 212 19.24 -11.51 -6.97
N PHE A 213 17.96 -11.53 -7.35
CA PHE A 213 17.20 -12.74 -7.67
C PHE A 213 17.34 -13.89 -6.67
N ILE A 214 17.20 -13.58 -5.38
CA ILE A 214 17.25 -14.60 -4.34
C ILE A 214 15.95 -15.40 -4.30
N ARG A 215 16.08 -16.72 -4.30
CA ARG A 215 14.92 -17.61 -4.42
C ARG A 215 14.76 -18.55 -3.22
N SER A 216 15.86 -18.89 -2.56
CA SER A 216 15.82 -19.75 -1.38
C SER A 216 16.90 -19.39 -0.35
N ALA A 217 16.78 -19.92 0.86
CA ALA A 217 17.72 -19.66 1.95
C ALA A 217 19.13 -20.15 1.64
N GLU A 218 19.22 -21.29 0.96
CA GLU A 218 20.49 -21.91 0.57
C GLU A 218 21.34 -20.96 -0.29
N GLN A 219 20.65 -20.14 -1.07
CA GLN A 219 21.30 -19.17 -1.95
C GLN A 219 21.99 -18.04 -1.19
N VAL A 220 21.47 -17.73 0.00
CA VAL A 220 22.05 -16.70 0.86
C VAL A 220 23.42 -17.14 1.36
N GLY A 221 23.54 -18.43 1.70
CA GLY A 221 24.81 -19.03 2.09
C GLY A 221 25.86 -18.99 0.98
N ASP A 222 25.39 -19.15 -0.26
CA ASP A 222 26.25 -19.05 -1.44
C ASP A 222 26.89 -17.67 -1.54
N VAL A 223 26.09 -16.63 -1.33
CA VAL A 223 26.59 -15.25 -1.35
C VAL A 223 27.59 -15.02 -0.22
N ARG A 224 27.29 -15.60 0.95
CA ARG A 224 28.20 -15.52 2.10
C ARG A 224 29.53 -16.21 1.80
N LYS A 225 29.46 -17.41 1.24
CA LYS A 225 30.65 -18.15 0.81
C LYS A 225 31.43 -17.34 -0.24
N ALA A 226 30.71 -16.75 -1.20
CA ALA A 226 31.32 -15.94 -2.24
C ALA A 226 32.05 -14.72 -1.68
N LEU A 227 31.49 -14.12 -0.63
CA LEU A 227 32.10 -12.95 0.01
C LEU A 227 33.35 -13.31 0.80
N GLY A 228 33.45 -14.57 1.20
CA GLY A 228 34.66 -15.09 1.85
C GLY A 228 34.92 -14.58 3.26
N PRO A 229 36.01 -15.08 3.90
CA PRO A 229 36.33 -14.74 5.29
C PRO A 229 36.56 -13.24 5.51
N LYS A 230 37.18 -12.56 4.54
CA LYS A 230 37.43 -11.12 4.63
C LYS A 230 36.13 -10.31 4.63
N GLY A 231 35.10 -10.81 3.97
CA GLY A 231 33.84 -10.09 3.84
C GLY A 231 32.74 -10.53 4.79
N ARG A 232 33.11 -11.24 5.84
CA ARG A 232 32.16 -11.85 6.79
C ARG A 232 31.28 -10.82 7.53
N ASP A 233 31.71 -9.56 7.53
CA ASP A 233 31.00 -8.47 8.22
C ASP A 233 30.13 -7.62 7.28
N ILE A 234 30.17 -7.92 5.99
CA ILE A 234 29.36 -7.21 5.01
C ILE A 234 27.93 -7.74 5.03
N MET A 235 26.96 -6.82 5.13
CA MET A 235 25.54 -7.17 5.19
C MET A 235 25.03 -7.70 3.85
N ILE A 236 24.29 -8.79 3.90
CA ILE A 236 23.63 -9.32 2.71
C ILE A 236 22.13 -8.98 2.76
N ILE A 237 21.72 -8.07 1.87
CA ILE A 237 20.32 -7.73 1.68
C ILE A 237 19.80 -8.47 0.46
N CYS A 238 18.86 -9.38 0.69
CA CYS A 238 18.31 -10.23 -0.36
C CYS A 238 17.20 -9.53 -1.15
N LYS A 239 17.38 -9.45 -2.46
CA LYS A 239 16.38 -8.88 -3.35
C LYS A 239 15.35 -9.94 -3.73
N ILE A 240 14.11 -9.71 -3.30
CA ILE A 240 13.00 -10.58 -3.66
C ILE A 240 12.41 -10.08 -4.97
N GLU A 241 12.52 -10.90 -6.01
CA GLU A 241 12.17 -10.50 -7.37
C GLU A 241 11.13 -11.40 -8.04
N ASN A 242 10.88 -12.57 -7.47
CA ASN A 242 9.89 -13.51 -8.02
C ASN A 242 9.09 -14.28 -6.97
N HIS A 243 8.20 -15.15 -7.44
CA HIS A 243 7.31 -15.94 -6.58
C HIS A 243 8.03 -16.85 -5.59
N GLN A 244 9.17 -17.40 -6.02
CA GLN A 244 9.98 -18.29 -5.18
C GLN A 244 10.48 -17.55 -3.95
N GLY A 245 11.02 -16.35 -4.17
CA GLY A 245 11.50 -15.50 -3.10
C GLY A 245 10.42 -15.18 -2.08
N VAL A 246 9.22 -14.89 -2.58
CA VAL A 246 8.05 -14.63 -1.73
C VAL A 246 7.65 -15.89 -0.98
N GLN A 247 7.63 -17.03 -1.68
CA GLN A 247 7.26 -18.30 -1.09
C GLN A 247 8.24 -18.76 0.00
N ASN A 248 9.52 -18.53 -0.21
CA ASN A 248 10.56 -18.96 0.73
C ASN A 248 11.00 -17.86 1.70
N ILE A 249 10.19 -16.81 1.79
CA ILE A 249 10.58 -15.59 2.51
C ILE A 249 11.03 -15.83 3.95
N ASP A 250 10.36 -16.74 4.65
CA ASP A 250 10.66 -17.03 6.05
C ASP A 250 12.09 -17.49 6.28
N SER A 251 12.53 -18.46 5.48
CA SER A 251 13.88 -19.00 5.61
C SER A 251 14.93 -18.05 5.05
N ILE A 252 14.54 -17.28 4.03
CA ILE A 252 15.41 -16.27 3.43
C ILE A 252 15.69 -15.13 4.41
N ILE A 253 14.64 -14.63 5.06
CA ILE A 253 14.77 -13.58 6.06
C ILE A 253 15.74 -13.98 7.16
N GLU A 254 15.62 -15.23 7.61
CA GLU A 254 16.43 -15.76 8.71
C GLU A 254 17.93 -15.86 8.36
N GLU A 255 18.23 -16.09 7.09
CA GLU A 255 19.60 -16.22 6.61
C GLU A 255 20.21 -14.90 6.17
N SER A 256 19.36 -13.93 5.84
CA SER A 256 19.80 -12.62 5.35
C SER A 256 19.94 -11.60 6.47
N ASP A 257 20.60 -10.49 6.18
CA ASP A 257 20.72 -9.39 7.12
C ASP A 257 19.64 -8.34 6.86
N GLY A 258 18.84 -8.58 5.83
CA GLY A 258 17.76 -7.69 5.41
C GLY A 258 17.13 -8.13 4.10
N ILE A 259 16.10 -7.41 3.67
CA ILE A 259 15.33 -7.75 2.47
C ILE A 259 15.07 -6.49 1.64
N MET A 260 15.00 -6.66 0.31
CA MET A 260 14.51 -5.61 -0.58
C MET A 260 13.31 -6.11 -1.40
N VAL A 261 12.20 -5.38 -1.28
CA VAL A 261 11.03 -5.65 -2.11
C VAL A 261 11.16 -4.88 -3.41
N ALA A 262 11.49 -5.60 -4.49
CA ALA A 262 11.59 -5.01 -5.81
C ALA A 262 10.25 -5.20 -6.54
N ARG A 263 9.37 -4.21 -6.37
CA ARG A 263 7.99 -4.27 -6.87
C ARG A 263 7.87 -4.43 -8.39
N GLY A 264 8.82 -3.87 -9.12
CA GLY A 264 8.82 -3.91 -10.58
C GLY A 264 9.11 -5.31 -11.11
N ASP A 265 10.19 -5.91 -10.59
CA ASP A 265 10.55 -7.27 -10.93
C ASP A 265 9.45 -8.25 -10.53
N LEU A 266 8.83 -8.01 -9.37
CA LEU A 266 7.71 -8.82 -8.89
C LEU A 266 6.49 -8.62 -9.78
N GLY A 267 6.30 -7.39 -10.25
CA GLY A 267 5.15 -7.00 -11.08
C GLY A 267 5.13 -7.67 -12.44
N VAL A 268 6.26 -8.22 -12.84
CA VAL A 268 6.42 -8.95 -14.09
C VAL A 268 5.48 -10.16 -14.15
N GLU A 269 5.51 -10.99 -13.11
CA GLU A 269 4.79 -12.27 -13.09
C GLU A 269 3.67 -12.38 -12.06
N ILE A 270 3.57 -11.39 -11.18
CA ILE A 270 2.51 -11.35 -10.17
C ILE A 270 1.67 -10.10 -10.40
N PRO A 271 0.33 -10.25 -10.53
CA PRO A 271 -0.54 -9.09 -10.72
C PRO A 271 -0.30 -8.01 -9.67
N ALA A 272 -0.32 -6.76 -10.12
CA ALA A 272 0.06 -5.61 -9.29
C ALA A 272 -0.67 -5.52 -7.95
N GLU A 273 -1.95 -5.90 -7.95
CA GLU A 273 -2.76 -5.90 -6.72
C GLU A 273 -2.18 -6.83 -5.65
N LYS A 274 -1.65 -7.97 -6.08
CA LYS A 274 -1.00 -8.92 -5.18
C LYS A 274 0.40 -8.46 -4.75
N VAL A 275 1.06 -7.67 -5.59
CA VAL A 275 2.38 -7.11 -5.27
C VAL A 275 2.26 -6.09 -4.14
N VAL A 276 1.15 -5.37 -4.10
CA VAL A 276 0.86 -4.43 -3.02
C VAL A 276 0.75 -5.20 -1.71
N VAL A 277 0.05 -6.33 -1.75
CA VAL A 277 -0.17 -7.19 -0.58
C VAL A 277 1.12 -7.88 -0.15
N ALA A 278 1.91 -8.32 -1.14
CA ALA A 278 3.21 -8.96 -0.90
C ALA A 278 4.16 -8.01 -0.17
N GLN A 279 4.10 -6.72 -0.54
CA GLN A 279 4.86 -5.68 0.12
C GLN A 279 4.53 -5.60 1.61
N LYS A 280 3.23 -5.58 1.95
CA LYS A 280 2.79 -5.56 3.34
C LYS A 280 3.38 -6.74 4.11
N ILE A 281 3.34 -7.91 3.49
CA ILE A 281 3.79 -9.17 4.09
C ILE A 281 5.29 -9.13 4.39
N LEU A 282 6.09 -8.83 3.38
CA LEU A 282 7.55 -8.82 3.50
C LEU A 282 8.07 -7.75 4.46
N ILE A 283 7.44 -6.58 4.45
CA ILE A 283 7.82 -5.51 5.36
C ILE A 283 7.52 -5.86 6.81
N SER A 284 6.35 -6.44 7.06
CA SER A 284 5.94 -6.80 8.42
C SER A 284 6.75 -7.97 8.97
N LYS A 285 7.09 -8.93 8.11
CA LYS A 285 7.94 -10.05 8.50
C LYS A 285 9.36 -9.62 8.91
N CYS A 286 9.91 -8.63 8.20
CA CYS A 286 11.22 -8.08 8.52
C CYS A 286 11.21 -7.26 9.82
N ASN A 287 10.11 -6.55 10.05
CA ASN A 287 9.92 -5.79 11.28
C ASN A 287 9.96 -6.68 12.50
N VAL A 288 9.27 -7.82 12.43
CA VAL A 288 9.26 -8.81 13.50
C VAL A 288 10.65 -9.40 13.69
N ALA A 289 11.30 -9.72 12.57
CA ALA A 289 12.65 -10.28 12.59
C ALA A 289 13.68 -9.28 13.10
N GLY A 290 13.34 -7.99 13.01
CA GLY A 290 14.26 -6.93 13.41
C GLY A 290 15.39 -6.81 12.40
N LYS A 291 15.04 -6.92 11.13
CA LYS A 291 16.01 -6.79 10.04
C LYS A 291 15.52 -5.74 9.07
N PRO A 292 16.45 -4.88 8.59
CA PRO A 292 16.07 -3.78 7.70
C PRO A 292 15.30 -4.25 6.48
N VAL A 293 14.38 -3.42 6.01
CA VAL A 293 13.62 -3.72 4.81
C VAL A 293 13.59 -2.49 3.91
N ILE A 294 13.79 -2.71 2.61
CA ILE A 294 13.84 -1.63 1.64
C ILE A 294 12.71 -1.77 0.63
N CYS A 295 11.92 -0.71 0.50
CA CYS A 295 10.91 -0.63 -0.53
C CYS A 295 11.58 0.00 -1.75
N ALA A 296 11.75 -0.78 -2.81
CA ALA A 296 12.47 -0.32 -3.99
C ALA A 296 11.62 -0.40 -5.26
N THR A 297 12.08 0.30 -6.30
CA THR A 297 11.56 0.26 -7.68
C THR A 297 10.75 1.49 -8.12
N GLN A 298 9.43 1.35 -8.24
CA GLN A 298 8.62 2.37 -8.90
C GLN A 298 8.12 3.40 -7.91
N MET A 299 9.03 4.25 -7.45
CA MET A 299 8.75 5.18 -6.36
C MET A 299 8.24 6.54 -6.83
N LEU A 300 9.15 7.35 -7.37
CA LEU A 300 8.80 8.65 -7.92
C LEU A 300 9.32 8.73 -9.36
N GLU A 301 9.02 7.68 -10.12
CA GLU A 301 9.59 7.47 -11.46
C GLU A 301 9.24 8.59 -12.44
N SER A 302 8.02 9.12 -12.39
CA SER A 302 7.61 10.20 -13.29
C SER A 302 8.46 11.45 -13.10
N MET A 303 9.09 11.56 -11.92
CA MET A 303 9.94 12.69 -11.59
C MET A 303 11.37 12.54 -12.14
N THR A 304 11.59 11.51 -12.96
CA THR A 304 12.83 11.33 -13.71
C THR A 304 12.95 12.41 -14.80
N TYR A 305 11.80 12.81 -15.36
CA TYR A 305 11.76 13.80 -16.43
C TYR A 305 10.88 15.01 -16.10
N ASN A 306 9.98 14.86 -15.12
CA ASN A 306 9.10 15.96 -14.71
C ASN A 306 9.56 16.62 -13.40
N PRO A 307 9.29 17.93 -13.24
CA PRO A 307 9.64 18.61 -11.99
C PRO A 307 8.86 18.12 -10.77
N ARG A 308 7.72 17.46 -11.00
CA ARG A 308 6.87 16.97 -9.92
C ARG A 308 6.25 15.61 -10.26
N PRO A 309 6.02 14.77 -9.23
CA PRO A 309 5.46 13.44 -9.45
C PRO A 309 3.94 13.45 -9.52
N THR A 310 3.35 12.32 -9.93
CA THR A 310 1.89 12.18 -9.91
C THR A 310 1.46 11.98 -8.46
N ARG A 311 0.18 12.26 -8.18
CA ARG A 311 -0.35 12.17 -6.83
C ARG A 311 -0.36 10.72 -6.31
N ALA A 312 -0.62 9.76 -7.20
CA ALA A 312 -0.61 8.34 -6.87
C ALA A 312 0.79 7.88 -6.44
N GLU A 313 1.83 8.48 -7.01
CA GLU A 313 3.21 8.18 -6.64
C GLU A 313 3.53 8.67 -5.23
N VAL A 314 2.97 9.83 -4.89
CA VAL A 314 3.17 10.43 -3.57
C VAL A 314 2.57 9.55 -2.48
N SER A 315 1.39 8.98 -2.74
CA SER A 315 0.74 8.10 -1.77
C SER A 315 1.43 6.74 -1.70
N ASP A 316 2.08 6.34 -2.80
CA ASP A 316 2.86 5.12 -2.83
C ASP A 316 4.05 5.19 -1.87
N VAL A 317 4.78 6.30 -1.92
CA VAL A 317 5.94 6.52 -1.06
C VAL A 317 5.52 6.61 0.41
N ALA A 318 4.42 7.33 0.65
CA ALA A 318 3.88 7.52 2.00
C ALA A 318 3.46 6.18 2.61
N ASN A 319 2.75 5.38 1.82
CA ASN A 319 2.24 4.09 2.30
C ASN A 319 3.33 3.05 2.53
N ALA A 320 4.48 3.23 1.88
CA ALA A 320 5.68 2.42 2.16
C ALA A 320 6.13 2.63 3.60
N VAL A 321 6.13 3.89 4.02
CA VAL A 321 6.45 4.24 5.41
C VAL A 321 5.37 3.69 6.36
N PHE A 322 4.09 3.89 6.01
CA PHE A 322 2.97 3.35 6.80
C PHE A 322 3.04 1.84 6.96
N ASN A 323 3.45 1.14 5.91
CA ASN A 323 3.66 -0.31 5.96
C ASN A 323 4.68 -0.72 7.01
N GLY A 324 5.66 0.16 7.24
CA GLY A 324 6.70 -0.06 8.23
C GLY A 324 8.08 -0.29 7.64
N ALA A 325 8.30 0.21 6.42
CA ALA A 325 9.58 0.05 5.75
C ALA A 325 10.63 0.95 6.39
N ASP A 326 11.83 0.40 6.62
CA ASP A 326 12.97 1.18 7.07
C ASP A 326 13.40 2.17 5.99
N CYS A 327 13.45 1.68 4.75
CA CYS A 327 14.05 2.43 3.65
C CYS A 327 13.16 2.56 2.43
N VAL A 328 13.35 3.66 1.70
CA VAL A 328 12.76 3.86 0.38
C VAL A 328 13.91 4.09 -0.61
N MET A 329 13.79 3.53 -1.81
CA MET A 329 14.89 3.56 -2.79
C MET A 329 14.57 4.36 -4.04
N LEU A 330 15.59 5.00 -4.61
CA LEU A 330 15.47 5.70 -5.89
C LEU A 330 16.41 5.07 -6.90
N SER A 331 15.89 4.77 -8.08
CA SER A 331 16.67 4.12 -9.13
C SER A 331 17.08 5.13 -10.20
N GLY A 332 16.33 5.17 -11.31
CA GLY A 332 16.63 6.08 -12.41
C GLY A 332 16.39 7.55 -12.08
N GLU A 333 15.67 7.81 -10.99
CA GLU A 333 15.33 9.18 -10.61
C GLU A 333 16.58 9.96 -10.23
N THR A 334 17.54 9.26 -9.64
CA THR A 334 18.82 9.85 -9.24
C THR A 334 19.95 9.49 -10.18
N ALA A 335 19.85 8.35 -10.84
CA ALA A 335 20.91 7.85 -11.71
C ALA A 335 21.00 8.60 -13.05
N LYS A 336 19.84 8.89 -13.64
CA LYS A 336 19.80 9.51 -14.96
C LYS A 336 18.79 10.67 -15.04
N GLY A 337 18.09 10.93 -13.94
CA GLY A 337 17.01 11.92 -13.91
C GLY A 337 17.42 13.37 -14.04
N LYS A 338 16.46 14.22 -14.36
CA LYS A 338 16.68 15.66 -14.53
C LYS A 338 16.65 16.43 -13.22
N TYR A 339 16.07 15.84 -12.17
CA TYR A 339 15.89 16.54 -10.89
C TYR A 339 16.36 15.70 -9.69
N PRO A 340 17.66 15.31 -9.67
CA PRO A 340 18.14 14.36 -8.67
C PRO A 340 18.09 14.88 -7.24
N ASN A 341 18.25 16.18 -7.06
CA ASN A 341 18.19 16.79 -5.73
C ASN A 341 16.74 16.98 -5.29
N GLU A 342 15.90 17.42 -6.23
CA GLU A 342 14.51 17.75 -5.95
C GLU A 342 13.69 16.51 -5.62
N VAL A 343 14.08 15.38 -6.20
CA VAL A 343 13.40 14.10 -5.96
C VAL A 343 13.76 13.49 -4.60
N VAL A 344 15.02 13.66 -4.18
CA VAL A 344 15.45 13.19 -2.86
C VAL A 344 14.87 14.08 -1.76
N GLN A 345 14.83 15.38 -2.02
CA GLN A 345 14.27 16.36 -1.09
C GLN A 345 12.79 16.14 -0.88
N TYR A 346 12.09 15.79 -1.97
CA TYR A 346 10.65 15.58 -1.91
C TYR A 346 10.30 14.24 -1.25
N MET A 347 11.08 13.20 -1.54
CA MET A 347 10.90 11.91 -0.89
C MET A 347 11.10 12.03 0.62
N ALA A 348 12.05 12.86 1.03
CA ALA A 348 12.29 13.17 2.43
C ALA A 348 11.09 13.87 3.06
N ARG A 349 10.51 14.82 2.34
CA ARG A 349 9.32 15.54 2.81
C ARG A 349 8.14 14.60 3.01
N ILE A 350 7.97 13.67 2.06
CA ILE A 350 6.88 12.69 2.10
C ILE A 350 7.05 11.73 3.28
N CYS A 351 8.27 11.22 3.47
CA CYS A 351 8.57 10.30 4.57
C CYS A 351 8.31 10.95 5.93
N LEU A 352 8.68 12.21 6.05
CA LEU A 352 8.52 12.97 7.28
C LEU A 352 7.05 13.29 7.55
N GLU A 353 6.32 13.61 6.49
CA GLU A 353 4.88 13.87 6.58
C GLU A 353 4.11 12.61 6.98
N ALA A 354 4.48 11.48 6.37
CA ALA A 354 3.87 10.19 6.68
C ALA A 354 4.14 9.80 8.12
N GLN A 355 5.38 9.95 8.54
CA GLN A 355 5.82 9.68 9.90
C GLN A 355 5.02 10.47 10.94
N SER A 356 4.73 11.73 10.63
CA SER A 356 3.91 12.59 11.48
C SER A 356 2.53 12.01 11.74
N ALA A 357 1.99 11.30 10.76
CA ALA A 357 0.69 10.65 10.86
C ALA A 357 0.77 9.25 11.48
N LEU A 358 1.98 8.69 11.49
CA LEU A 358 2.20 7.30 11.94
C LEU A 358 2.20 7.17 13.46
N ASN A 359 1.48 6.18 13.96
CA ASN A 359 1.46 5.86 15.39
C ASN A 359 2.45 4.73 15.70
N GLU A 360 3.63 5.10 16.17
CA GLU A 360 4.68 4.11 16.45
C GLU A 360 4.29 3.15 17.57
N TYR A 361 3.37 3.56 18.42
CA TYR A 361 2.94 2.72 19.54
C TYR A 361 2.21 1.46 19.08
N VAL A 362 1.52 1.53 17.96
CA VAL A 362 0.89 0.34 17.35
C VAL A 362 1.98 -0.68 16.98
N PHE A 363 3.05 -0.19 16.36
CA PHE A 363 4.21 -1.01 16.00
C PHE A 363 4.84 -1.66 17.22
N PHE A 364 5.08 -0.87 18.26
CA PHE A 364 5.68 -1.36 19.50
C PHE A 364 4.83 -2.46 20.15
N ASN A 365 3.54 -2.17 20.30
CA ASN A 365 2.60 -3.10 20.92
C ASN A 365 2.46 -4.40 20.14
N SER A 366 2.34 -4.27 18.82
CA SER A 366 2.22 -5.41 17.93
C SER A 366 3.44 -6.34 18.01
N ILE A 367 4.63 -5.74 17.98
CA ILE A 367 5.88 -6.51 18.00
C ILE A 367 6.15 -7.10 19.39
N LYS A 368 5.69 -6.40 20.42
CA LYS A 368 5.82 -6.87 21.81
C LYS A 368 4.96 -8.10 22.07
N LYS A 369 3.68 -8.03 21.66
CA LYS A 369 2.72 -9.11 21.88
C LYS A 369 3.11 -10.42 21.19
N LEU A 370 3.91 -10.32 20.14
CA LEU A 370 4.36 -11.49 19.39
C LEU A 370 5.58 -12.19 19.98
N GLN A 371 6.13 -11.64 21.06
CA GLN A 371 7.26 -12.25 21.75
C GLN A 371 6.75 -13.31 22.72
N HIS A 372 7.33 -14.50 22.66
CA HIS A 372 6.91 -15.60 23.53
C HIS A 372 7.53 -15.45 24.92
N ILE A 373 6.83 -15.94 25.93
CA ILE A 373 7.35 -15.95 27.30
C ILE A 373 7.95 -17.33 27.59
N PRO A 374 9.19 -17.38 28.11
CA PRO A 374 10.03 -16.24 28.48
C PRO A 374 10.83 -15.65 27.32
N MET A 375 11.11 -14.36 27.41
CA MET A 375 12.01 -13.68 26.49
C MET A 375 13.44 -13.93 26.94
N SER A 376 14.39 -13.81 26.04
CA SER A 376 15.80 -13.83 26.42
C SER A 376 16.26 -12.42 26.74
N ALA A 377 17.37 -12.31 27.47
CA ALA A 377 17.88 -11.04 27.99
C ALA A 377 17.84 -9.89 26.97
N ASP A 378 18.48 -10.11 25.81
CA ASP A 378 18.55 -9.12 24.73
C ASP A 378 17.20 -8.53 24.36
N GLU A 379 16.23 -9.42 24.14
CA GLU A 379 14.88 -9.06 23.76
C GLU A 379 14.21 -8.26 24.88
N ALA A 380 14.29 -8.81 26.10
CA ALA A 380 13.71 -8.20 27.29
C ALA A 380 14.20 -6.78 27.55
N VAL A 381 15.51 -6.58 27.48
CA VAL A 381 16.13 -5.28 27.77
C VAL A 381 15.69 -4.20 26.80
N CYS A 382 15.74 -4.52 25.50
CA CYS A 382 15.43 -3.55 24.45
C CYS A 382 13.94 -3.20 24.37
N SER A 383 13.09 -4.22 24.50
CA SER A 383 11.64 -4.01 24.53
C SER A 383 11.25 -3.17 25.73
N SER A 384 11.85 -3.48 26.88
CA SER A 384 11.62 -2.74 28.12
C SER A 384 12.11 -1.30 28.05
N ALA A 385 13.20 -1.07 27.31
CA ALA A 385 13.77 0.26 27.14
C ALA A 385 12.82 1.17 26.38
N VAL A 386 12.29 0.65 25.27
CA VAL A 386 11.31 1.37 24.45
C VAL A 386 10.01 1.58 25.23
N ASN A 387 9.68 0.59 26.06
CA ASN A 387 8.54 0.68 26.96
C ASN A 387 8.69 1.88 27.91
N SER A 388 9.88 2.02 28.49
CA SER A 388 10.20 3.13 29.38
C SER A 388 10.05 4.49 28.69
N VAL A 389 10.41 4.54 27.41
CA VAL A 389 10.28 5.75 26.60
C VAL A 389 8.82 6.22 26.54
N TYR A 390 7.91 5.28 26.26
CA TYR A 390 6.49 5.57 26.22
C TYR A 390 5.96 5.84 27.63
N GLU A 391 6.53 5.14 28.60
CA GLU A 391 6.12 5.22 29.99
C GLU A 391 6.41 6.58 30.62
N THR A 392 7.55 7.16 30.24
CA THR A 392 8.06 8.38 30.85
C THR A 392 7.99 9.59 29.93
N LYS A 393 7.51 9.36 28.70
CA LYS A 393 7.55 10.37 27.62
C LYS A 393 8.97 10.89 27.41
N ALA A 394 9.94 9.98 27.47
CA ALA A 394 11.34 10.28 27.18
C ALA A 394 11.47 10.82 25.76
N LYS A 395 12.33 11.81 25.57
CA LYS A 395 12.44 12.50 24.29
C LYS A 395 13.64 12.08 23.43
N ALA A 396 14.44 11.12 23.92
CA ALA A 396 15.55 10.54 23.17
C ALA A 396 16.01 9.19 23.74
N MET A 397 16.78 8.46 22.94
CA MET A 397 17.43 7.21 23.38
C MET A 397 18.90 7.22 23.01
N VAL A 398 19.73 6.62 23.86
CA VAL A 398 21.16 6.47 23.58
C VAL A 398 21.56 5.00 23.69
N VAL A 399 21.95 4.40 22.56
CA VAL A 399 22.34 2.99 22.50
C VAL A 399 23.85 2.82 22.26
N LEU A 400 24.51 2.12 23.18
CA LEU A 400 25.91 1.78 23.02
C LEU A 400 26.06 0.41 22.34
N SER A 401 26.38 0.45 21.06
CA SER A 401 26.48 -0.74 20.23
C SER A 401 27.69 -0.63 19.30
N ASN A 402 28.52 -1.66 19.30
CA ASN A 402 29.69 -1.67 18.42
C ASN A 402 29.40 -2.27 17.04
N THR A 403 28.71 -3.40 17.03
CA THR A 403 28.32 -4.06 15.78
C THR A 403 27.04 -3.48 15.20
N GLY A 404 26.22 -2.85 16.05
CA GLY A 404 24.94 -2.30 15.63
C GLY A 404 23.77 -3.22 15.91
N ARG A 405 24.05 -4.34 16.59
CA ARG A 405 23.04 -5.34 16.94
C ARG A 405 22.00 -4.78 17.91
N SER A 406 22.47 -4.15 19.00
CA SER A 406 21.60 -3.54 19.99
C SER A 406 20.77 -2.42 19.41
N ALA A 407 21.39 -1.61 18.56
CA ALA A 407 20.71 -0.50 17.89
C ALA A 407 19.56 -0.99 17.01
N ARG A 408 19.80 -2.07 16.26
CA ARG A 408 18.78 -2.66 15.40
C ARG A 408 17.64 -3.28 16.21
N LEU A 409 17.99 -3.94 17.31
CA LEU A 409 17.03 -4.57 18.19
C LEU A 409 16.14 -3.52 18.88
N VAL A 410 16.75 -2.40 19.26
CA VAL A 410 16.02 -1.28 19.87
C VAL A 410 15.06 -0.63 18.86
N ALA A 411 15.57 -0.38 17.66
CA ALA A 411 14.77 0.24 16.59
C ALA A 411 13.63 -0.65 16.16
N LYS A 412 13.82 -1.95 16.30
CA LYS A 412 12.79 -2.93 16.01
C LYS A 412 11.50 -2.61 16.76
N TYR A 413 11.63 -2.23 18.02
CA TYR A 413 10.47 -1.97 18.88
C TYR A 413 9.84 -0.60 18.70
N ARG A 414 10.38 0.21 17.79
CA ARG A 414 9.76 1.47 17.37
C ARG A 414 9.41 2.43 18.53
N PRO A 415 10.39 3.19 19.01
CA PRO A 415 10.11 4.27 19.95
C PRO A 415 9.47 5.43 19.22
N ASN A 416 8.88 6.37 19.97
CA ASN A 416 8.35 7.61 19.38
C ASN A 416 9.35 8.77 19.50
N CYS A 417 10.59 8.43 19.83
CA CYS A 417 11.68 9.40 19.94
C CYS A 417 12.88 8.92 19.10
N PRO A 418 13.82 9.85 18.77
CA PRO A 418 15.03 9.47 18.03
C PRO A 418 15.93 8.50 18.79
N ILE A 419 16.62 7.62 18.07
CA ILE A 419 17.59 6.72 18.69
C ILE A 419 18.99 7.15 18.28
N VAL A 420 19.80 7.49 19.26
CA VAL A 420 21.20 7.84 19.00
C VAL A 420 22.08 6.63 19.33
N CYS A 421 22.79 6.14 18.32
CA CYS A 421 23.73 5.04 18.53
C CYS A 421 25.16 5.55 18.62
N VAL A 422 25.86 5.13 19.67
CA VAL A 422 27.25 5.49 19.86
C VAL A 422 28.12 4.24 19.63
N THR A 423 28.85 4.25 18.53
CA THR A 423 29.68 3.10 18.15
C THR A 423 31.15 3.46 17.96
N THR A 424 32.03 2.51 18.25
CA THR A 424 33.48 2.67 18.07
C THR A 424 33.93 2.26 16.67
N ARG A 425 32.97 1.98 15.79
CA ARG A 425 33.25 1.46 14.47
C ARG A 425 32.53 2.27 13.39
N LEU A 426 33.31 2.87 12.48
CA LEU A 426 32.75 3.64 11.37
C LEU A 426 31.92 2.77 10.42
N GLN A 427 32.31 1.49 10.29
CA GLN A 427 31.56 0.49 9.53
C GLN A 427 30.10 0.40 10.00
N THR A 428 29.90 0.47 11.31
CA THR A 428 28.58 0.41 11.93
C THR A 428 27.78 1.70 11.69
N CYS A 429 28.45 2.84 11.70
CA CYS A 429 27.82 4.11 11.39
C CYS A 429 27.21 4.08 10.00
N ARG A 430 27.94 3.50 9.06
CA ARG A 430 27.48 3.39 7.68
C ARG A 430 26.35 2.38 7.54
N GLN A 431 26.52 1.20 8.15
CA GLN A 431 25.55 0.11 8.02
C GLN A 431 24.19 0.39 8.65
N LEU A 432 24.17 1.19 9.71
CA LEU A 432 22.91 1.56 10.37
C LEU A 432 22.05 2.52 9.55
N ASN A 433 22.58 2.98 8.42
CA ASN A 433 21.85 3.88 7.53
C ASN A 433 20.65 3.23 6.85
N ILE A 434 20.53 1.90 6.98
CA ILE A 434 19.37 1.18 6.44
C ILE A 434 18.38 0.75 7.54
N THR A 435 18.66 1.21 8.76
CA THR A 435 17.75 1.01 9.89
C THR A 435 17.06 2.32 10.20
N GLN A 436 15.73 2.30 10.23
CA GLN A 436 14.96 3.51 10.45
C GLN A 436 15.06 4.03 11.89
N GLY A 437 14.96 5.35 12.03
CA GLY A 437 14.91 6.00 13.34
C GLY A 437 16.17 5.98 14.17
N VAL A 438 17.31 5.73 13.52
CA VAL A 438 18.61 5.69 14.21
C VAL A 438 19.61 6.65 13.58
N GLU A 439 20.39 7.32 14.43
CA GLU A 439 21.48 8.17 13.99
C GLU A 439 22.76 7.75 14.71
N SER A 440 23.87 7.76 13.99
CA SER A 440 25.13 7.25 14.52
C SER A 440 26.09 8.35 14.96
N VAL A 441 26.75 8.10 16.09
CA VAL A 441 27.85 8.94 16.55
C VAL A 441 29.08 8.05 16.69
N PHE A 442 30.12 8.37 15.94
CA PHE A 442 31.38 7.63 16.00
C PHE A 442 32.19 8.08 17.21
N PHE A 443 32.57 7.12 18.04
CA PHE A 443 33.42 7.37 19.19
C PHE A 443 34.78 6.75 18.92
N ASP A 444 35.79 7.61 18.75
CA ASP A 444 37.13 7.16 18.37
C ASP A 444 37.85 6.51 19.55
N ALA A 445 37.82 5.19 19.59
CA ALA A 445 38.45 4.40 20.66
C ALA A 445 39.98 4.47 20.64
N ASP A 446 40.55 4.91 19.52
CA ASP A 446 42.00 5.08 19.37
C ASP A 446 42.50 6.32 20.09
N LYS A 447 41.99 7.49 19.70
CA LYS A 447 42.46 8.75 20.27
C LYS A 447 41.56 9.32 21.37
N LEU A 448 40.77 8.46 22.00
CA LEU A 448 39.92 8.87 23.14
C LEU A 448 39.82 7.83 24.25
N GLY A 449 40.37 6.64 24.01
CA GLY A 449 40.39 5.56 25.02
C GLY A 449 39.29 4.53 24.86
N HIS A 450 39.40 3.44 25.61
CA HIS A 450 38.43 2.35 25.56
C HIS A 450 37.11 2.66 26.28
N ASP A 451 37.20 3.43 27.37
CA ASP A 451 36.04 3.87 28.15
C ASP A 451 35.14 2.71 28.61
N GLU A 452 35.65 1.90 29.53
CA GLU A 452 34.88 0.80 30.12
C GLU A 452 33.81 1.32 31.05
N GLY A 453 34.03 2.53 31.58
CA GLY A 453 33.04 3.22 32.40
C GLY A 453 31.82 3.63 31.60
N LYS A 454 31.99 3.67 30.28
CA LYS A 454 30.91 3.92 29.31
C LYS A 454 30.35 5.35 29.33
N GLU A 455 30.56 6.07 30.42
CA GLU A 455 29.93 7.39 30.60
C GLU A 455 30.49 8.49 29.70
N HIS A 456 31.63 8.23 29.05
CA HIS A 456 32.12 9.12 28.00
C HIS A 456 31.27 8.93 26.74
N ARG A 457 31.05 7.68 26.37
CA ARG A 457 30.21 7.32 25.24
C ARG A 457 28.76 7.77 25.45
N VAL A 458 28.27 7.60 26.68
CA VAL A 458 26.92 8.02 27.06
C VAL A 458 26.73 9.52 26.91
N ALA A 459 27.67 10.30 27.46
CA ALA A 459 27.63 11.76 27.39
C ALA A 459 27.81 12.28 25.98
N ALA A 460 28.56 11.53 25.16
CA ALA A 460 28.74 11.84 23.75
C ALA A 460 27.40 11.73 23.01
N GLY A 461 26.61 10.73 23.39
CA GLY A 461 25.28 10.51 22.80
C GLY A 461 24.28 11.58 23.19
N VAL A 462 24.26 11.92 24.48
CA VAL A 462 23.39 12.98 25.00
C VAL A 462 23.78 14.34 24.40
N GLU A 463 25.09 14.56 24.23
CA GLU A 463 25.61 15.77 23.60
C GLU A 463 25.06 15.94 22.19
N PHE A 464 25.03 14.84 21.43
CA PHE A 464 24.47 14.79 20.08
C PHE A 464 22.96 15.05 20.09
N ALA A 465 22.27 14.47 21.07
CA ALA A 465 20.82 14.63 21.21
C ALA A 465 20.44 16.07 21.55
N LYS A 466 21.27 16.72 22.36
CA LYS A 466 21.07 18.12 22.71
C LYS A 466 21.31 19.05 21.52
N SER A 467 22.37 18.76 20.77
CA SER A 467 22.75 19.59 19.62
C SER A 467 21.71 19.55 18.50
N LYS A 468 21.13 18.37 18.25
CA LYS A 468 20.05 18.24 17.27
C LYS A 468 18.73 18.77 17.81
N GLY A 469 18.69 19.07 19.11
CA GLY A 469 17.53 19.68 19.75
C GLY A 469 16.47 18.69 20.21
N TYR A 470 16.85 17.40 20.27
CA TYR A 470 15.92 16.35 20.70
C TYR A 470 15.60 16.44 22.18
N VAL A 471 16.62 16.72 22.99
CA VAL A 471 16.45 16.89 24.43
C VAL A 471 17.08 18.18 24.96
N GLN A 472 16.45 18.73 25.99
CA GLN A 472 16.98 19.88 26.72
C GLN A 472 16.97 19.54 28.21
N THR A 473 17.23 20.55 29.05
CA THR A 473 17.24 20.35 30.50
C THR A 473 15.84 20.00 31.01
N GLY A 474 15.76 18.96 31.83
CA GLY A 474 14.50 18.53 32.42
C GLY A 474 13.85 17.37 31.68
N ASP A 475 14.40 17.02 30.52
CA ASP A 475 13.88 15.92 29.71
C ASP A 475 14.45 14.57 30.14
N TYR A 476 13.69 13.51 29.90
CA TYR A 476 14.14 12.15 30.15
C TYR A 476 14.78 11.55 28.90
N CYS A 477 15.82 10.76 29.12
CA CYS A 477 16.48 10.02 28.04
C CYS A 477 16.77 8.59 28.49
N VAL A 478 16.27 7.62 27.74
CA VAL A 478 16.52 6.21 28.05
C VAL A 478 17.83 5.74 27.45
N VAL A 479 18.79 5.42 28.32
CA VAL A 479 20.10 4.96 27.91
C VAL A 479 20.19 3.45 28.12
N ILE A 480 20.81 2.76 27.16
CA ILE A 480 20.93 1.32 27.19
C ILE A 480 22.27 0.86 26.62
N HIS A 481 22.95 0.00 27.36
CA HIS A 481 24.13 -0.71 26.86
C HIS A 481 23.91 -2.20 27.01
N ALA A 482 23.84 -2.90 25.87
CA ALA A 482 23.76 -4.35 25.84
C ALA A 482 24.89 -4.91 24.97
N ASP A 483 25.28 -6.15 25.21
CA ASP A 483 26.41 -6.75 24.50
C ASP A 483 26.16 -8.21 24.16
N TYR A 489 26.01 -11.69 28.71
CA TYR A 489 25.31 -10.57 28.09
C TYR A 489 25.31 -9.34 29.00
N ALA A 490 26.46 -8.66 29.08
CA ALA A 490 26.64 -7.51 29.97
C ALA A 490 25.77 -6.31 29.54
N ASN A 491 24.58 -6.20 30.14
CA ASN A 491 23.63 -5.16 29.78
C ASN A 491 23.24 -4.24 30.94
N GLN A 492 22.63 -3.10 30.60
CA GLN A 492 22.18 -2.12 31.58
C GLN A 492 21.16 -1.16 30.96
N THR A 493 20.28 -0.61 31.80
CA THR A 493 19.31 0.39 31.37
C THR A 493 19.27 1.52 32.38
N ARG A 494 19.50 2.74 31.90
CA ARG A 494 19.46 3.93 32.75
C ARG A 494 18.37 4.88 32.26
N ILE A 495 17.54 5.35 33.18
CA ILE A 495 16.64 6.45 32.86
C ILE A 495 17.28 7.74 33.40
N LEU A 496 17.76 8.56 32.47
CA LEU A 496 18.61 9.70 32.79
C LEU A 496 17.86 11.02 32.70
N LEU A 497 18.13 11.90 33.66
CA LEU A 497 17.62 13.27 33.62
C LEU A 497 18.69 14.17 32.99
N VAL A 498 18.30 14.88 31.94
CA VAL A 498 19.24 15.71 31.18
C VAL A 498 19.49 17.06 31.86
N GLU A 499 20.76 17.45 31.92
CA GLU A 499 21.20 18.70 32.56
C GLU A 499 21.26 19.89 31.60
N SER B 2 -2.99 -5.21 15.28
CA SER B 2 -2.87 -6.63 14.84
C SER B 2 -2.94 -6.79 13.32
N GLN B 3 -2.93 -5.67 12.61
CA GLN B 3 -2.76 -5.69 11.16
C GLN B 3 -1.37 -6.24 10.82
N LEU B 4 -0.39 -5.85 11.63
CA LEU B 4 0.98 -6.34 11.51
C LEU B 4 1.02 -7.86 11.71
N ALA B 5 0.33 -8.34 12.73
CA ALA B 5 0.25 -9.78 13.00
C ALA B 5 -0.50 -10.52 11.88
N HIS B 6 -1.49 -9.86 11.29
CA HIS B 6 -2.28 -10.44 10.21
C HIS B 6 -1.48 -10.58 8.93
N ASN B 7 -0.65 -9.57 8.64
CA ASN B 7 0.23 -9.59 7.48
C ASN B 7 1.16 -10.80 7.45
N LEU B 8 1.55 -11.26 8.63
CA LEU B 8 2.48 -12.38 8.78
C LEU B 8 1.85 -13.69 8.32
N THR B 9 0.57 -13.85 8.61
CA THR B 9 -0.17 -15.09 8.32
C THR B 9 -0.59 -15.19 6.85
N LEU B 10 -0.51 -14.09 6.11
CA LEU B 10 -1.02 -14.00 4.74
C LEU B 10 -0.14 -14.66 3.69
N SER B 11 -0.79 -15.23 2.67
CA SER B 11 -0.11 -15.73 1.48
C SER B 11 -0.85 -15.24 0.25
N ILE B 12 -0.10 -14.66 -0.68
CA ILE B 12 -0.69 -14.11 -1.90
C ILE B 12 -1.11 -15.19 -2.92
N PHE B 13 -0.88 -16.45 -2.56
CA PHE B 13 -1.23 -17.57 -3.43
C PHE B 13 -2.48 -18.31 -2.92
N ASP B 14 -2.96 -17.90 -1.75
CA ASP B 14 -4.25 -18.36 -1.22
C ASP B 14 -5.38 -17.76 -2.06
N PRO B 15 -6.53 -18.45 -2.13
CA PRO B 15 -7.67 -17.92 -2.89
C PRO B 15 -8.25 -16.65 -2.25
N VAL B 16 -8.79 -15.76 -3.09
CA VAL B 16 -9.43 -14.52 -2.62
C VAL B 16 -10.72 -14.78 -1.85
N ALA B 17 -11.19 -13.77 -1.12
CA ALA B 17 -12.43 -13.86 -0.34
C ALA B 17 -13.66 -14.04 -1.24
N ASN B 18 -14.65 -14.76 -0.71
CA ASN B 18 -15.87 -15.08 -1.46
C ASN B 18 -16.84 -13.90 -1.64
N TYR B 19 -16.45 -12.72 -1.18
CA TYR B 19 -17.24 -11.50 -1.35
C TYR B 19 -16.37 -10.24 -1.26
N ARG B 20 -16.78 -9.21 -2.02
CA ARG B 20 -16.16 -7.91 -1.95
C ARG B 20 -17.02 -6.99 -1.07
N ALA B 21 -16.38 -6.34 -0.11
CA ALA B 21 -17.06 -5.46 0.85
C ALA B 21 -17.13 -4.02 0.35
N ALA B 22 -16.02 -3.54 -0.21
CA ALA B 22 -15.96 -2.19 -0.78
C ALA B 22 -16.95 -2.05 -1.93
N ARG B 23 -17.44 -0.84 -2.13
CA ARG B 23 -18.42 -0.56 -3.18
C ARG B 23 -17.83 0.33 -4.26
N ILE B 24 -18.34 0.21 -5.48
CA ILE B 24 -17.81 0.96 -6.62
C ILE B 24 -18.85 1.92 -7.23
N ILE B 25 -18.49 3.19 -7.34
CA ILE B 25 -19.35 4.22 -7.91
C ILE B 25 -18.83 4.61 -9.29
N CYS B 26 -19.72 4.64 -10.28
CA CYS B 26 -19.33 4.97 -11.66
C CYS B 26 -19.98 6.25 -12.17
N THR B 27 -19.17 7.10 -12.81
CA THR B 27 -19.67 8.30 -13.48
C THR B 27 -20.12 7.92 -14.89
N ILE B 28 -21.39 8.20 -15.17
CA ILE B 28 -21.98 7.90 -16.47
C ILE B 28 -21.63 8.99 -17.48
N GLY B 29 -21.30 8.59 -18.71
CA GLY B 29 -20.99 9.53 -19.78
C GLY B 29 -21.33 8.95 -21.16
N PRO B 30 -20.87 9.63 -22.23
CA PRO B 30 -21.09 9.16 -23.62
C PRO B 30 -20.68 7.71 -23.79
N SER B 31 -19.56 7.35 -23.18
CA SER B 31 -19.00 6.01 -23.22
C SER B 31 -19.90 4.94 -22.56
N THR B 32 -20.81 5.36 -21.68
CA THR B 32 -21.56 4.40 -20.86
C THR B 32 -23.06 4.66 -20.63
N GLN B 33 -23.66 5.59 -21.38
CA GLN B 33 -25.05 5.96 -21.11
C GLN B 33 -26.10 4.96 -21.61
N SER B 34 -25.77 4.23 -22.68
CA SER B 34 -26.72 3.26 -23.27
C SER B 34 -27.06 2.12 -22.30
N VAL B 35 -28.29 1.61 -22.42
CA VAL B 35 -28.80 0.54 -21.57
C VAL B 35 -27.82 -0.64 -21.53
N GLU B 36 -27.31 -1.04 -22.69
CA GLU B 36 -26.39 -2.16 -22.79
C GLU B 36 -25.05 -1.90 -22.10
N ALA B 37 -24.54 -0.68 -22.23
CA ALA B 37 -23.30 -0.28 -21.56
C ALA B 37 -23.46 -0.29 -20.05
N LEU B 38 -24.64 0.12 -19.58
CA LEU B 38 -24.97 0.14 -18.15
C LEU B 38 -25.13 -1.26 -17.57
N LYS B 39 -25.60 -2.20 -18.39
CA LYS B 39 -25.67 -3.60 -17.99
C LYS B 39 -24.25 -4.16 -17.88
N GLY B 40 -23.38 -3.70 -18.77
CA GLY B 40 -21.97 -4.05 -18.74
C GLY B 40 -21.31 -3.59 -17.45
N LEU B 41 -21.57 -2.35 -17.07
CA LEU B 41 -21.05 -1.77 -15.84
C LEU B 41 -21.54 -2.50 -14.58
N ILE B 42 -22.84 -2.78 -14.53
CA ILE B 42 -23.43 -3.49 -13.38
C ILE B 42 -22.77 -4.85 -13.17
N GLN B 43 -22.62 -5.61 -14.26
CA GLN B 43 -21.97 -6.91 -14.20
C GLN B 43 -20.49 -6.82 -13.83
N SER B 44 -19.85 -5.70 -14.19
CA SER B 44 -18.44 -5.48 -13.86
C SER B 44 -18.24 -5.11 -12.38
N GLY B 45 -19.29 -4.58 -11.74
CA GLY B 45 -19.24 -4.31 -10.30
C GLY B 45 -19.77 -2.96 -9.83
N MET B 46 -20.52 -2.26 -10.69
CA MET B 46 -21.09 -0.97 -10.30
C MET B 46 -22.24 -1.13 -9.33
N SER B 47 -22.18 -0.39 -8.22
CA SER B 47 -23.27 -0.33 -7.26
C SER B 47 -23.99 1.01 -7.32
N VAL B 48 -23.25 2.06 -7.70
CA VAL B 48 -23.80 3.41 -7.73
C VAL B 48 -23.48 4.13 -9.04
N ALA B 49 -24.52 4.73 -9.63
CA ALA B 49 -24.40 5.54 -10.84
C ALA B 49 -24.36 7.02 -10.46
N ARG B 50 -23.30 7.69 -10.92
CA ARG B 50 -23.11 9.12 -10.67
C ARG B 50 -23.39 9.93 -11.92
N MET B 51 -24.29 10.90 -11.81
CA MET B 51 -24.52 11.88 -12.87
C MET B 51 -23.78 13.16 -12.53
N ASN B 52 -22.92 13.61 -13.43
CA ASN B 52 -22.22 14.87 -13.21
C ASN B 52 -22.98 16.04 -13.82
N PHE B 53 -23.54 16.88 -12.94
CA PHE B 53 -24.39 18.01 -13.36
C PHE B 53 -23.61 19.29 -13.69
N SER B 54 -22.29 19.19 -13.68
CA SER B 54 -21.43 20.26 -14.19
C SER B 54 -21.60 20.36 -15.71
N HIS B 55 -22.08 19.29 -16.32
CA HIS B 55 -22.31 19.23 -17.77
C HIS B 55 -23.60 18.49 -18.09
N GLY B 56 -24.12 18.72 -19.29
CA GLY B 56 -25.35 18.06 -19.76
C GLY B 56 -26.62 18.73 -19.28
N SER B 57 -27.71 18.50 -20.01
CA SER B 57 -29.01 19.07 -19.67
C SER B 57 -29.87 18.07 -18.90
N HIS B 58 -30.98 18.56 -18.34
CA HIS B 58 -31.95 17.71 -17.64
C HIS B 58 -32.45 16.55 -18.50
N GLU B 59 -32.63 16.80 -19.79
CA GLU B 59 -33.04 15.78 -20.75
C GLU B 59 -31.97 14.69 -20.90
N TYR B 60 -30.70 15.10 -20.83
CA TYR B 60 -29.57 14.16 -20.90
C TYR B 60 -29.49 13.27 -19.66
N HIS B 61 -29.59 13.88 -18.49
CA HIS B 61 -29.55 13.14 -17.23
C HIS B 61 -30.83 12.34 -16.99
N GLN B 62 -31.92 12.76 -17.63
CA GLN B 62 -33.17 11.99 -17.63
C GLN B 62 -32.97 10.65 -18.32
N THR B 63 -32.22 10.68 -19.43
CA THR B 63 -31.86 9.46 -20.16
C THR B 63 -31.11 8.50 -19.22
N THR B 64 -30.10 9.03 -18.52
CA THR B 64 -29.32 8.25 -17.55
C THR B 64 -30.24 7.61 -16.52
N ILE B 65 -31.04 8.43 -15.84
CA ILE B 65 -32.00 7.94 -14.84
C ILE B 65 -32.87 6.81 -15.39
N ASN B 66 -33.44 7.01 -16.58
CA ASN B 66 -34.31 6.03 -17.22
C ASN B 66 -33.58 4.76 -17.65
N ASN B 67 -32.38 4.93 -18.22
CA ASN B 67 -31.56 3.80 -18.68
C ASN B 67 -31.02 2.95 -17.52
N VAL B 68 -30.57 3.60 -16.46
CA VAL B 68 -30.06 2.92 -15.27
C VAL B 68 -31.15 2.05 -14.65
N ARG B 69 -32.34 2.63 -14.49
CA ARG B 69 -33.49 1.91 -13.93
C ARG B 69 -33.93 0.72 -14.79
N GLN B 70 -33.78 0.84 -16.10
CA GLN B 70 -34.11 -0.24 -17.03
C GLN B 70 -33.04 -1.34 -17.01
N ALA B 71 -31.78 -0.94 -17.11
CA ALA B 71 -30.65 -1.87 -17.04
C ALA B 71 -30.66 -2.67 -15.74
N ALA B 72 -31.02 -1.98 -14.64
CA ALA B 72 -31.11 -2.61 -13.33
C ALA B 72 -32.28 -3.58 -13.22
N ALA B 73 -33.43 -3.20 -13.78
CA ALA B 73 -34.63 -4.04 -13.74
C ALA B 73 -34.44 -5.35 -14.50
N GLU B 74 -33.80 -5.25 -15.67
CA GLU B 74 -33.53 -6.41 -16.51
C GLU B 74 -32.52 -7.38 -15.90
N LEU B 75 -31.76 -6.90 -14.93
CA LEU B 75 -30.79 -7.72 -14.21
C LEU B 75 -31.26 -8.07 -12.79
N GLY B 76 -32.43 -7.56 -12.41
CA GLY B 76 -33.06 -7.87 -11.13
C GLY B 76 -32.35 -7.31 -9.91
N VAL B 77 -31.45 -6.35 -10.13
CA VAL B 77 -30.64 -5.76 -9.07
C VAL B 77 -31.07 -4.31 -8.77
N ASN B 78 -30.70 -3.82 -7.60
CA ASN B 78 -30.94 -2.43 -7.24
C ASN B 78 -29.67 -1.60 -7.38
N ILE B 79 -29.75 -0.52 -8.14
CA ILE B 79 -28.61 0.38 -8.32
C ILE B 79 -28.97 1.78 -7.86
N ALA B 80 -28.06 2.39 -7.11
CA ALA B 80 -28.25 3.74 -6.60
C ALA B 80 -27.95 4.78 -7.68
N ILE B 81 -28.79 5.80 -7.74
CA ILE B 81 -28.59 6.92 -8.66
C ILE B 81 -28.17 8.15 -7.85
N ALA B 82 -27.03 8.72 -8.23
CA ALA B 82 -26.43 9.82 -7.49
C ALA B 82 -26.32 11.10 -8.32
N LEU B 83 -26.76 12.21 -7.75
CA LEU B 83 -26.65 13.52 -8.38
C LEU B 83 -25.45 14.28 -7.81
N ASP B 84 -24.48 14.57 -8.67
CA ASP B 84 -23.32 15.36 -8.29
C ASP B 84 -23.50 16.79 -8.80
N THR B 85 -23.81 17.70 -7.89
CA THR B 85 -24.11 19.10 -8.21
C THR B 85 -22.92 19.79 -8.86
N LYS B 86 -23.21 20.82 -9.67
CA LYS B 86 -22.16 21.64 -10.27
C LYS B 86 -21.38 22.40 -9.20
N GLY B 87 -22.10 22.96 -8.23
CA GLY B 87 -21.49 23.83 -7.21
C GLY B 87 -21.05 25.15 -7.82
N PRO B 88 -20.27 25.95 -7.06
CA PRO B 88 -19.72 27.19 -7.62
C PRO B 88 -18.77 26.96 -8.81
N LEU B 187 -18.60 32.79 -2.38
CA LEU B 187 -19.53 32.01 -3.19
C LEU B 187 -20.50 31.17 -2.34
N PRO B 188 -21.77 31.04 -2.78
CA PRO B 188 -22.80 30.36 -2.01
C PRO B 188 -22.69 28.83 -2.07
N ALA B 189 -23.23 28.16 -1.06
CA ALA B 189 -23.30 26.70 -1.02
C ALA B 189 -24.07 26.19 -2.23
N VAL B 190 -25.39 26.36 -2.21
CA VAL B 190 -26.23 26.08 -3.36
C VAL B 190 -26.36 27.33 -4.23
N SER B 191 -26.19 27.15 -5.54
CA SER B 191 -26.39 28.23 -6.48
C SER B 191 -27.81 28.19 -7.03
N ALA B 192 -28.12 29.09 -7.97
CA ALA B 192 -29.40 29.08 -8.65
C ALA B 192 -29.53 27.84 -9.52
N LYS B 193 -28.45 27.48 -10.21
CA LYS B 193 -28.40 26.27 -11.02
C LYS B 193 -28.61 25.02 -10.15
N ASP B 194 -27.97 25.02 -8.98
CA ASP B 194 -28.08 23.91 -8.05
C ASP B 194 -29.48 23.74 -7.49
N ARG B 195 -30.14 24.86 -7.19
CA ARG B 195 -31.53 24.83 -6.71
C ARG B 195 -32.49 24.17 -7.69
N VAL B 196 -32.28 24.42 -8.99
CA VAL B 196 -33.10 23.82 -10.05
C VAL B 196 -32.71 22.36 -10.26
N ASP B 197 -31.41 22.06 -10.16
CA ASP B 197 -30.90 20.69 -10.30
C ASP B 197 -31.41 19.79 -9.18
N LEU B 198 -31.35 20.28 -7.94
CA LEU B 198 -31.83 19.54 -6.77
C LEU B 198 -33.35 19.38 -6.79
N GLN B 199 -34.03 20.36 -7.37
CA GLN B 199 -35.47 20.29 -7.64
C GLN B 199 -35.76 19.09 -8.54
N PHE B 200 -34.95 18.95 -9.58
CA PHE B 200 -35.06 17.86 -10.55
C PHE B 200 -34.80 16.51 -9.91
N GLY B 201 -33.79 16.46 -9.05
CA GLY B 201 -33.40 15.23 -8.36
C GLY B 201 -34.52 14.65 -7.52
N VAL B 202 -35.21 15.52 -6.79
CA VAL B 202 -36.34 15.12 -5.95
C VAL B 202 -37.48 14.57 -6.81
N GLU B 203 -37.85 15.32 -7.86
CA GLU B 203 -38.94 14.94 -8.77
C GLU B 203 -38.67 13.61 -9.45
N GLN B 204 -37.40 13.35 -9.77
CA GLN B 204 -37.00 12.09 -10.40
C GLN B 204 -36.64 11.02 -9.37
N GLY B 205 -36.67 11.39 -8.10
CA GLY B 205 -36.46 10.43 -7.01
C GLY B 205 -35.08 9.81 -6.97
N VAL B 206 -34.05 10.65 -7.05
CA VAL B 206 -32.67 10.20 -6.88
C VAL B 206 -32.42 9.77 -5.44
N ASP B 207 -31.40 8.95 -5.24
CA ASP B 207 -31.15 8.32 -3.94
C ASP B 207 -30.25 9.14 -3.03
N MET B 208 -29.32 9.88 -3.62
CA MET B 208 -28.32 10.66 -2.88
C MET B 208 -27.81 11.85 -3.67
N ILE B 209 -27.33 12.86 -2.93
CA ILE B 209 -26.72 14.04 -3.52
C ILE B 209 -25.23 14.08 -3.15
N PHE B 210 -24.37 14.24 -4.15
CA PHE B 210 -22.96 14.54 -3.91
C PHE B 210 -22.79 16.05 -3.95
N ALA B 211 -22.90 16.69 -2.78
CA ALA B 211 -22.87 18.15 -2.69
C ALA B 211 -21.44 18.68 -2.85
N SER B 212 -21.22 19.41 -3.94
CA SER B 212 -19.90 19.93 -4.29
C SER B 212 -19.43 21.07 -3.39
N PHE B 213 -18.12 21.12 -3.17
CA PHE B 213 -17.44 22.23 -2.49
C PHE B 213 -18.10 22.65 -1.16
N ILE B 214 -18.26 21.68 -0.25
CA ILE B 214 -18.84 21.96 1.08
C ILE B 214 -17.76 22.40 2.06
N ARG B 215 -17.98 23.56 2.68
CA ARG B 215 -16.97 24.22 3.51
C ARG B 215 -17.35 24.35 4.98
N SER B 216 -18.65 24.32 5.27
CA SER B 216 -19.14 24.45 6.65
C SER B 216 -20.42 23.66 6.89
N ALA B 217 -20.82 23.55 8.16
CA ALA B 217 -21.98 22.74 8.56
C ALA B 217 -23.33 23.31 8.12
N GLU B 218 -23.46 24.64 8.15
CA GLU B 218 -24.71 25.31 7.73
C GLU B 218 -24.92 25.24 6.22
N GLN B 219 -23.84 25.02 5.47
CA GLN B 219 -23.91 24.85 4.02
C GLN B 219 -24.61 23.55 3.64
N VAL B 220 -24.51 22.55 4.51
CA VAL B 220 -25.21 21.28 4.32
C VAL B 220 -26.73 21.51 4.44
N GLY B 221 -27.12 22.38 5.37
CA GLY B 221 -28.52 22.76 5.57
C GLY B 221 -29.13 23.49 4.39
N ASP B 222 -28.31 24.22 3.65
CA ASP B 222 -28.75 24.90 2.42
C ASP B 222 -29.12 23.90 1.34
N VAL B 223 -28.38 22.79 1.27
CA VAL B 223 -28.66 21.70 0.35
C VAL B 223 -29.94 20.98 0.78
N ARG B 224 -30.11 20.83 2.09
CA ARG B 224 -31.33 20.25 2.67
C ARG B 224 -32.54 21.13 2.37
N LYS B 225 -32.36 22.43 2.55
CA LYS B 225 -33.39 23.42 2.24
C LYS B 225 -33.83 23.30 0.78
N ALA B 226 -32.86 23.21 -0.12
CA ALA B 226 -33.14 23.12 -1.55
C ALA B 226 -33.86 21.84 -1.96
N LEU B 227 -33.64 20.76 -1.21
CA LEU B 227 -34.32 19.50 -1.44
C LEU B 227 -35.80 19.56 -1.05
N GLY B 228 -36.10 20.29 0.03
CA GLY B 228 -37.47 20.45 0.51
C GLY B 228 -38.03 19.24 1.22
N PRO B 229 -39.30 19.35 1.69
CA PRO B 229 -40.00 18.30 2.46
C PRO B 229 -40.16 16.96 1.73
N LYS B 230 -40.30 17.00 0.41
CA LYS B 230 -40.47 15.79 -0.39
C LYS B 230 -39.19 14.96 -0.48
N GLY B 231 -38.04 15.63 -0.39
CA GLY B 231 -36.75 14.96 -0.48
C GLY B 231 -35.99 14.82 0.82
N ARG B 232 -36.73 14.67 1.93
CA ARG B 232 -36.11 14.55 3.25
C ARG B 232 -35.41 13.20 3.42
N ASP B 233 -35.80 12.22 2.61
CA ASP B 233 -35.23 10.87 2.70
C ASP B 233 -34.04 10.67 1.76
N ILE B 234 -33.64 11.74 1.07
CA ILE B 234 -32.48 11.71 0.19
C ILE B 234 -31.22 12.04 0.99
N MET B 235 -30.17 11.22 0.80
CA MET B 235 -28.90 11.38 1.51
C MET B 235 -28.06 12.51 0.93
N ILE B 236 -27.42 13.28 1.81
CA ILE B 236 -26.47 14.30 1.39
C ILE B 236 -25.05 13.84 1.71
N ILE B 237 -24.28 13.57 0.68
CA ILE B 237 -22.87 13.27 0.82
C ILE B 237 -22.09 14.51 0.43
N CYS B 238 -21.44 15.12 1.41
CA CYS B 238 -20.67 16.34 1.19
C CYS B 238 -19.32 16.04 0.57
N LYS B 239 -18.94 16.84 -0.43
CA LYS B 239 -17.64 16.72 -1.07
C LYS B 239 -16.66 17.70 -0.44
N ILE B 240 -15.61 17.17 0.18
CA ILE B 240 -14.56 18.00 0.77
C ILE B 240 -13.48 18.26 -0.28
N GLU B 241 -13.34 19.54 -0.64
CA GLU B 241 -12.52 19.94 -1.78
C GLU B 241 -11.53 21.06 -1.44
N ASN B 242 -11.54 21.51 -0.19
CA ASN B 242 -10.65 22.58 0.27
C ASN B 242 -10.30 22.53 1.76
N HIS B 243 -9.34 23.38 2.15
CA HIS B 243 -8.86 23.47 3.54
C HIS B 243 -9.94 23.77 4.58
N GLN B 244 -10.97 24.52 4.17
CA GLN B 244 -12.09 24.86 5.05
C GLN B 244 -12.91 23.61 5.40
N GLY B 245 -13.21 22.81 4.36
CA GLY B 245 -13.94 21.56 4.53
C GLY B 245 -13.21 20.61 5.46
N VAL B 246 -11.89 20.54 5.31
CA VAL B 246 -11.03 19.72 6.18
C VAL B 246 -11.06 20.24 7.61
N GLN B 247 -11.06 21.56 7.76
CA GLN B 247 -11.05 22.18 9.07
C GLN B 247 -12.36 21.99 9.82
N ASN B 248 -13.48 22.23 9.12
CA ASN B 248 -14.81 22.11 9.72
C ASN B 248 -15.38 20.69 9.64
N ILE B 249 -14.53 19.74 9.28
CA ILE B 249 -14.94 18.36 9.01
C ILE B 249 -15.81 17.71 10.10
N ASP B 250 -15.53 18.04 11.36
CA ASP B 250 -16.28 17.48 12.49
C ASP B 250 -17.76 17.85 12.45
N SER B 251 -18.04 19.12 12.16
CA SER B 251 -19.42 19.61 12.10
C SER B 251 -20.11 19.14 10.81
N ILE B 252 -19.35 19.14 9.72
CA ILE B 252 -19.84 18.69 8.42
C ILE B 252 -20.29 17.22 8.47
N ILE B 253 -19.45 16.35 9.04
CA ILE B 253 -19.79 14.93 9.21
C ILE B 253 -21.06 14.75 10.04
N GLU B 254 -21.21 15.57 11.07
CA GLU B 254 -22.36 15.51 11.97
C GLU B 254 -23.69 15.88 11.29
N GLU B 255 -23.64 16.85 10.38
CA GLU B 255 -24.83 17.31 9.65
C GLU B 255 -25.16 16.45 8.43
N SER B 256 -24.12 16.00 7.73
CA SER B 256 -24.30 15.24 6.49
C SER B 256 -24.56 13.76 6.76
N ASP B 257 -24.85 13.03 5.68
CA ASP B 257 -25.10 11.59 5.76
C ASP B 257 -23.88 10.82 5.29
N GLY B 258 -22.82 11.54 4.94
CA GLY B 258 -21.57 10.95 4.46
C GLY B 258 -20.60 11.96 3.89
N ILE B 259 -19.42 11.47 3.49
CA ILE B 259 -18.34 12.33 2.98
C ILE B 259 -17.75 11.77 1.70
N MET B 260 -17.31 12.67 0.83
CA MET B 260 -16.48 12.32 -0.32
C MET B 260 -15.12 13.02 -0.21
N VAL B 261 -14.05 12.23 -0.22
CA VAL B 261 -12.70 12.76 -0.24
C VAL B 261 -12.28 12.96 -1.70
N ALA B 262 -12.32 14.21 -2.14
CA ALA B 262 -11.90 14.56 -3.50
C ALA B 262 -10.43 14.97 -3.49
N ARG B 263 -9.55 13.98 -3.69
CA ARG B 263 -8.10 14.18 -3.58
C ARG B 263 -7.53 15.18 -4.60
N GLY B 264 -8.08 15.15 -5.82
CA GLY B 264 -7.63 16.03 -6.89
C GLY B 264 -7.93 17.49 -6.59
N ASP B 265 -9.15 17.77 -6.15
CA ASP B 265 -9.60 19.13 -5.84
C ASP B 265 -8.83 19.69 -4.64
N LEU B 266 -8.66 18.88 -3.61
CA LEU B 266 -7.86 19.24 -2.44
C LEU B 266 -6.40 19.49 -2.80
N GLY B 267 -5.93 18.80 -3.84
CA GLY B 267 -4.53 18.86 -4.27
C GLY B 267 -4.13 20.19 -4.89
N VAL B 268 -5.12 20.91 -5.41
CA VAL B 268 -4.91 22.20 -6.07
C VAL B 268 -4.16 23.18 -5.15
N GLU B 269 -4.46 23.13 -3.85
CA GLU B 269 -3.91 24.07 -2.87
C GLU B 269 -3.07 23.42 -1.77
N ILE B 270 -3.46 22.22 -1.35
CA ILE B 270 -2.77 21.48 -0.29
C ILE B 270 -1.73 20.54 -0.91
N PRO B 271 -0.48 20.56 -0.40
CA PRO B 271 0.56 19.67 -0.95
C PRO B 271 0.14 18.20 -0.91
N ALA B 272 0.41 17.48 -2.00
CA ALA B 272 -0.05 16.10 -2.21
C ALA B 272 0.18 15.17 -1.02
N GLU B 273 1.34 15.31 -0.38
CA GLU B 273 1.67 14.49 0.78
C GLU B 273 0.71 14.71 1.95
N LYS B 274 0.20 15.94 2.07
CA LYS B 274 -0.75 16.28 3.13
C LYS B 274 -2.18 15.82 2.81
N VAL B 275 -2.48 15.73 1.51
CA VAL B 275 -3.77 15.20 1.03
C VAL B 275 -3.91 13.72 1.36
N VAL B 276 -2.79 12.98 1.32
CA VAL B 276 -2.75 11.58 1.71
C VAL B 276 -3.15 11.42 3.18
N VAL B 277 -2.56 12.24 4.04
CA VAL B 277 -2.88 12.26 5.47
C VAL B 277 -4.32 12.69 5.70
N ALA B 278 -4.76 13.71 4.96
CA ALA B 278 -6.13 14.23 5.06
C ALA B 278 -7.16 13.16 4.69
N GLN B 279 -6.79 12.28 3.75
CA GLN B 279 -7.59 11.13 3.40
C GLN B 279 -7.74 10.18 4.59
N LYS B 280 -6.63 9.94 5.29
CA LYS B 280 -6.62 9.07 6.46
C LYS B 280 -7.56 9.59 7.54
N ILE B 281 -7.46 10.88 7.84
CA ILE B 281 -8.28 11.55 8.84
C ILE B 281 -9.77 11.48 8.49
N LEU B 282 -10.11 11.98 7.30
CA LEU B 282 -11.49 12.02 6.82
C LEU B 282 -12.19 10.66 6.83
N ILE B 283 -11.46 9.63 6.39
CA ILE B 283 -12.00 8.27 6.38
C ILE B 283 -12.21 7.72 7.80
N SER B 284 -11.20 7.91 8.66
CA SER B 284 -11.27 7.40 10.04
C SER B 284 -12.37 8.08 10.84
N LYS B 285 -12.52 9.39 10.65
CA LYS B 285 -13.59 10.15 11.31
C LYS B 285 -14.97 9.65 10.88
N CYS B 286 -15.10 9.33 9.60
CA CYS B 286 -16.35 8.80 9.04
C CYS B 286 -16.66 7.41 9.54
N ASN B 287 -15.62 6.58 9.69
CA ASN B 287 -15.79 5.24 10.26
C ASN B 287 -16.34 5.33 11.69
N VAL B 288 -15.77 6.24 12.49
CA VAL B 288 -16.21 6.46 13.87
C VAL B 288 -17.67 6.93 13.92
N ALA B 289 -18.02 7.85 13.04
CA ALA B 289 -19.38 8.38 12.98
C ALA B 289 -20.37 7.34 12.44
N GLY B 290 -19.87 6.34 11.73
CA GLY B 290 -20.72 5.32 11.12
C GLY B 290 -21.51 5.89 9.95
N LYS B 291 -20.82 6.69 9.15
CA LYS B 291 -21.38 7.28 7.95
C LYS B 291 -20.47 6.99 6.76
N PRO B 292 -21.05 6.58 5.61
CA PRO B 292 -20.27 6.18 4.44
C PRO B 292 -19.26 7.23 3.99
N VAL B 293 -18.06 6.79 3.61
CA VAL B 293 -17.04 7.69 3.10
C VAL B 293 -16.55 7.23 1.73
N ILE B 294 -16.49 8.17 0.79
CA ILE B 294 -16.10 7.86 -0.59
C ILE B 294 -14.72 8.45 -0.91
N CYS B 295 -13.84 7.58 -1.41
CA CYS B 295 -12.56 8.00 -1.95
C CYS B 295 -12.76 8.28 -3.43
N ALA B 296 -12.51 9.53 -3.85
CA ALA B 296 -12.81 9.96 -5.21
C ALA B 296 -11.65 10.67 -5.91
N THR B 297 -11.74 10.73 -7.25
CA THR B 297 -10.78 11.40 -8.13
C THR B 297 -9.40 10.75 -8.18
N GLN B 298 -8.78 10.78 -9.36
CA GLN B 298 -7.43 10.26 -9.58
C GLN B 298 -7.27 8.84 -9.04
N MET B 299 -8.16 7.94 -9.49
CA MET B 299 -8.17 6.56 -9.02
C MET B 299 -7.37 5.62 -9.91
N LEU B 300 -7.87 5.38 -11.12
CA LEU B 300 -7.16 4.59 -12.12
C LEU B 300 -7.15 5.38 -13.42
N GLU B 301 -6.73 6.64 -13.31
CA GLU B 301 -6.92 7.63 -14.37
C GLU B 301 -6.24 7.28 -15.69
N SER B 302 -5.06 6.66 -15.63
CA SER B 302 -4.33 6.29 -16.84
C SER B 302 -5.05 5.23 -17.66
N MET B 303 -5.96 4.49 -17.01
CA MET B 303 -6.73 3.44 -17.67
C MET B 303 -7.97 3.98 -18.42
N THR B 304 -8.07 5.30 -18.54
CA THR B 304 -9.11 5.94 -19.35
C THR B 304 -8.83 5.76 -20.85
N TYR B 305 -7.54 5.78 -21.20
CA TYR B 305 -7.13 5.57 -22.60
C TYR B 305 -6.18 4.39 -22.77
N ASN B 306 -5.63 3.90 -21.67
CA ASN B 306 -4.71 2.75 -21.71
C ASN B 306 -5.40 1.47 -21.26
N PRO B 307 -5.01 0.30 -21.85
CA PRO B 307 -5.62 -0.98 -21.47
C PRO B 307 -5.37 -1.38 -20.01
N ARG B 308 -4.30 -0.83 -19.43
CA ARG B 308 -3.90 -1.13 -18.05
C ARG B 308 -3.35 0.11 -17.33
N PRO B 309 -3.59 0.20 -16.00
CA PRO B 309 -3.12 1.36 -15.22
C PRO B 309 -1.68 1.19 -14.73
N THR B 310 -1.15 2.23 -14.08
CA THR B 310 0.17 2.17 -13.48
C THR B 310 0.09 1.47 -12.12
N ARG B 311 1.22 0.92 -11.67
CA ARG B 311 1.29 0.19 -10.41
C ARG B 311 0.96 1.10 -9.22
N ALA B 312 1.42 2.35 -9.28
CA ALA B 312 1.14 3.36 -8.27
C ALA B 312 -0.35 3.60 -8.10
N GLU B 313 -1.07 3.61 -9.24
CA GLU B 313 -2.53 3.77 -9.25
C GLU B 313 -3.23 2.59 -8.59
N VAL B 314 -2.70 1.38 -8.81
CA VAL B 314 -3.24 0.17 -8.18
C VAL B 314 -3.09 0.23 -6.65
N SER B 315 -1.91 0.60 -6.18
CA SER B 315 -1.65 0.70 -4.73
C SER B 315 -2.52 1.79 -4.09
N ASP B 316 -2.81 2.84 -4.86
CA ASP B 316 -3.67 3.93 -4.40
C ASP B 316 -5.05 3.41 -4.05
N VAL B 317 -5.66 2.68 -4.99
CA VAL B 317 -6.96 2.05 -4.79
C VAL B 317 -6.94 1.14 -3.57
N ALA B 318 -5.92 0.28 -3.49
CA ALA B 318 -5.80 -0.69 -2.40
C ALA B 318 -5.70 0.01 -1.03
N ASN B 319 -4.86 1.02 -0.94
CA ASN B 319 -4.65 1.72 0.32
C ASN B 319 -5.88 2.50 0.79
N ALA B 320 -6.70 2.94 -0.17
CA ALA B 320 -7.98 3.57 0.14
C ALA B 320 -8.87 2.58 0.90
N VAL B 321 -8.86 1.33 0.45
CA VAL B 321 -9.57 0.25 1.14
C VAL B 321 -8.94 -0.05 2.50
N PHE B 322 -7.61 0.03 2.56
CA PHE B 322 -6.87 -0.17 3.82
C PHE B 322 -7.13 0.94 4.84
N ASN B 323 -7.28 2.17 4.37
CA ASN B 323 -7.68 3.30 5.21
C ASN B 323 -9.07 3.08 5.79
N GLY B 324 -9.90 2.34 5.05
CA GLY B 324 -11.23 1.96 5.50
C GLY B 324 -12.37 2.67 4.80
N ALA B 325 -12.18 2.97 3.52
CA ALA B 325 -13.21 3.63 2.73
C ALA B 325 -14.32 2.65 2.37
N ASP B 326 -15.58 3.09 2.49
CA ASP B 326 -16.71 2.28 2.07
C ASP B 326 -16.70 2.11 0.55
N CYS B 327 -16.35 3.20 -0.15
CA CYS B 327 -16.48 3.27 -1.59
C CYS B 327 -15.25 3.82 -2.29
N VAL B 328 -15.06 3.36 -3.52
CA VAL B 328 -14.09 3.93 -4.44
C VAL B 328 -14.86 4.39 -5.68
N MET B 329 -14.44 5.50 -6.28
CA MET B 329 -15.21 6.13 -7.35
C MET B 329 -14.43 6.32 -8.64
N LEU B 330 -15.07 5.99 -9.76
CA LEU B 330 -14.49 6.20 -11.09
C LEU B 330 -15.12 7.40 -11.77
N SER B 331 -14.29 8.31 -12.30
CA SER B 331 -14.75 9.53 -12.94
C SER B 331 -14.72 9.40 -14.46
N GLY B 332 -13.62 9.86 -15.07
CA GLY B 332 -13.45 9.79 -16.52
C GLY B 332 -13.40 8.37 -17.06
N GLU B 333 -12.79 7.48 -16.27
CA GLU B 333 -12.57 6.08 -16.64
C GLU B 333 -13.82 5.36 -17.14
N THR B 334 -14.98 5.78 -16.65
CA THR B 334 -16.27 5.23 -17.09
C THR B 334 -17.09 6.21 -17.94
N ALA B 335 -16.87 7.51 -17.72
CA ALA B 335 -17.63 8.54 -18.43
C ALA B 335 -17.22 8.67 -19.90
N LYS B 336 -15.91 8.77 -20.16
CA LYS B 336 -15.41 9.00 -21.52
C LYS B 336 -14.32 8.01 -21.94
N GLY B 337 -14.10 6.97 -21.12
CA GLY B 337 -12.97 6.06 -21.31
C GLY B 337 -13.12 5.04 -22.43
N LYS B 338 -11.98 4.47 -22.84
CA LYS B 338 -11.95 3.43 -23.86
C LYS B 338 -12.28 2.05 -23.29
N TYR B 339 -12.07 1.87 -21.99
CA TYR B 339 -12.23 0.56 -21.37
C TYR B 339 -13.12 0.59 -20.12
N PRO B 340 -14.40 1.00 -20.28
CA PRO B 340 -15.30 1.19 -19.13
C PRO B 340 -15.58 -0.09 -18.34
N ASN B 341 -15.68 -1.23 -19.02
CA ASN B 341 -15.94 -2.51 -18.36
C ASN B 341 -14.71 -3.06 -17.65
N GLU B 342 -13.55 -2.96 -18.29
CA GLU B 342 -12.30 -3.49 -17.75
C GLU B 342 -11.83 -2.76 -16.50
N VAL B 343 -12.05 -1.44 -16.46
CA VAL B 343 -11.63 -0.62 -15.32
C VAL B 343 -12.46 -0.88 -14.06
N VAL B 344 -13.74 -1.22 -14.22
CA VAL B 344 -14.60 -1.57 -13.09
C VAL B 344 -14.29 -2.97 -12.59
N GLN B 345 -14.03 -3.89 -13.51
CA GLN B 345 -13.64 -5.26 -13.18
C GLN B 345 -12.29 -5.30 -12.47
N TYR B 346 -11.39 -4.41 -12.86
CA TYR B 346 -10.07 -4.33 -12.25
C TYR B 346 -10.12 -3.72 -10.86
N MET B 347 -10.93 -2.67 -10.70
CA MET B 347 -11.10 -2.05 -9.39
C MET B 347 -11.75 -3.02 -8.40
N ALA B 348 -12.71 -3.80 -8.86
CA ALA B 348 -13.32 -4.86 -8.05
C ALA B 348 -12.29 -5.89 -7.61
N ARG B 349 -11.38 -6.22 -8.53
CA ARG B 349 -10.30 -7.18 -8.26
C ARG B 349 -9.35 -6.64 -7.20
N ILE B 350 -8.99 -5.36 -7.33
CA ILE B 350 -8.09 -4.70 -6.37
C ILE B 350 -8.72 -4.64 -4.99
N CYS B 351 -9.98 -4.23 -4.93
CA CYS B 351 -10.72 -4.12 -3.67
C CYS B 351 -10.86 -5.46 -2.96
N LEU B 352 -11.08 -6.51 -3.75
CA LEU B 352 -11.18 -7.88 -3.22
C LEU B 352 -9.83 -8.36 -2.70
N GLU B 353 -8.77 -8.08 -3.44
CA GLU B 353 -7.41 -8.43 -3.04
C GLU B 353 -6.99 -7.72 -1.75
N ALA B 354 -7.29 -6.42 -1.68
CA ALA B 354 -6.99 -5.62 -0.49
C ALA B 354 -7.76 -6.13 0.73
N GLN B 355 -9.03 -6.46 0.51
CA GLN B 355 -9.91 -6.97 1.55
C GLN B 355 -9.44 -8.32 2.11
N SER B 356 -8.81 -9.14 1.26
CA SER B 356 -8.17 -10.37 1.70
C SER B 356 -7.06 -10.09 2.70
N ALA B 357 -6.35 -8.99 2.50
CA ALA B 357 -5.24 -8.59 3.38
C ALA B 357 -5.68 -7.83 4.63
N LEU B 358 -6.84 -7.16 4.55
CA LEU B 358 -7.36 -6.32 5.62
C LEU B 358 -7.81 -7.14 6.83
N ASN B 359 -7.43 -6.68 8.03
CA ASN B 359 -7.86 -7.30 9.28
C ASN B 359 -9.01 -6.51 9.89
N GLU B 360 -10.23 -6.99 9.65
CA GLU B 360 -11.43 -6.29 10.11
C GLU B 360 -11.51 -6.16 11.63
N TYR B 361 -10.84 -7.07 12.34
CA TYR B 361 -10.85 -7.05 13.80
C TYR B 361 -10.22 -5.79 14.39
N VAL B 362 -9.17 -5.28 13.73
CA VAL B 362 -8.54 -4.03 14.14
C VAL B 362 -9.55 -2.87 14.09
N PHE B 363 -10.32 -2.83 13.02
CA PHE B 363 -11.39 -1.84 12.85
C PHE B 363 -12.46 -1.98 13.92
N PHE B 364 -12.93 -3.22 14.11
CA PHE B 364 -13.92 -3.52 15.14
C PHE B 364 -13.47 -3.05 16.51
N ASN B 365 -12.24 -3.42 16.87
CA ASN B 365 -11.71 -3.15 18.19
C ASN B 365 -11.40 -1.67 18.45
N SER B 366 -10.89 -0.99 17.41
CA SER B 366 -10.59 0.44 17.50
C SER B 366 -11.84 1.28 17.74
N ILE B 367 -12.92 0.94 17.03
CA ILE B 367 -14.18 1.69 17.14
C ILE B 367 -14.89 1.40 18.45
N LYS B 368 -14.86 0.14 18.88
CA LYS B 368 -15.50 -0.27 20.14
C LYS B 368 -14.88 0.43 21.35
N LYS B 369 -13.55 0.54 21.36
CA LYS B 369 -12.81 1.18 22.45
C LYS B 369 -13.12 2.67 22.58
N LEU B 370 -13.45 3.32 21.46
CA LEU B 370 -13.76 4.74 21.45
C LEU B 370 -15.19 5.05 21.94
N GLN B 371 -15.99 4.00 22.10
CA GLN B 371 -17.33 4.14 22.67
C GLN B 371 -17.26 4.40 24.16
N HIS B 372 -18.11 5.30 24.65
CA HIS B 372 -18.12 5.64 26.08
C HIS B 372 -19.09 4.77 26.88
N ILE B 373 -18.66 4.38 28.09
CA ILE B 373 -19.49 3.58 28.99
C ILE B 373 -20.24 4.54 29.92
N PRO B 374 -21.58 4.38 30.06
CA PRO B 374 -22.43 3.36 29.45
C PRO B 374 -22.84 3.67 28.02
N MET B 375 -22.97 2.61 27.21
CA MET B 375 -23.46 2.73 25.85
C MET B 375 -24.99 2.72 25.84
N SER B 376 -25.58 3.48 24.93
CA SER B 376 -27.02 3.40 24.69
C SER B 376 -27.34 2.07 24.01
N ALA B 377 -28.61 1.68 24.05
CA ALA B 377 -29.04 0.36 23.55
C ALA B 377 -28.54 0.02 22.13
N ASP B 378 -28.80 0.91 21.17
CA ASP B 378 -28.44 0.67 19.77
C ASP B 378 -26.97 0.32 19.54
N GLU B 379 -26.07 1.09 20.17
CA GLU B 379 -24.63 0.86 20.05
C GLU B 379 -24.22 -0.46 20.68
N ALA B 380 -24.75 -0.71 21.88
CA ALA B 380 -24.46 -1.95 22.61
C ALA B 380 -24.96 -3.19 21.88
N VAL B 381 -26.18 -3.11 21.34
CA VAL B 381 -26.78 -4.23 20.59
C VAL B 381 -25.94 -4.57 19.36
N CYS B 382 -25.54 -3.55 18.61
CA CYS B 382 -24.80 -3.75 17.35
C CYS B 382 -23.35 -4.19 17.52
N SER B 383 -22.65 -3.58 18.48
CA SER B 383 -21.26 -3.95 18.75
C SER B 383 -21.18 -5.37 19.30
N SER B 384 -22.16 -5.73 20.13
CA SER B 384 -22.24 -7.03 20.75
C SER B 384 -22.52 -8.11 19.73
N ALA B 385 -23.34 -7.78 18.73
CA ALA B 385 -23.69 -8.71 17.65
C ALA B 385 -22.51 -8.99 16.74
N VAL B 386 -21.74 -7.95 16.41
CA VAL B 386 -20.53 -8.11 15.60
C VAL B 386 -19.51 -8.92 16.40
N ASN B 387 -19.40 -8.60 17.68
CA ASN B 387 -18.57 -9.35 18.61
C ASN B 387 -18.90 -10.84 18.59
N SER B 388 -20.20 -11.16 18.66
CA SER B 388 -20.69 -12.55 18.59
C SER B 388 -20.15 -13.29 17.38
N VAL B 389 -20.11 -12.63 16.23
CA VAL B 389 -19.60 -13.21 14.99
C VAL B 389 -18.15 -13.64 15.17
N TYR B 390 -17.32 -12.76 15.73
CA TYR B 390 -15.91 -13.07 16.01
C TYR B 390 -15.79 -14.16 17.07
N GLU B 391 -16.69 -14.11 18.05
CA GLU B 391 -16.70 -15.02 19.17
C GLU B 391 -17.02 -16.46 18.74
N THR B 392 -17.87 -16.59 17.73
CA THR B 392 -18.38 -17.90 17.27
C THR B 392 -17.98 -18.24 15.83
N LYS B 393 -17.09 -17.45 15.24
CA LYS B 393 -16.71 -17.59 13.83
C LYS B 393 -17.92 -17.77 12.91
N ALA B 394 -18.94 -16.94 13.10
CA ALA B 394 -20.15 -16.94 12.26
C ALA B 394 -19.79 -16.48 10.85
N LYS B 395 -20.46 -17.05 9.86
CA LYS B 395 -20.11 -16.82 8.45
C LYS B 395 -21.03 -15.84 7.70
N ALA B 396 -22.07 -15.34 8.39
CA ALA B 396 -22.94 -14.30 7.84
C ALA B 396 -23.73 -13.57 8.92
N MET B 397 -24.21 -12.37 8.59
CA MET B 397 -25.09 -11.60 9.48
C MET B 397 -26.40 -11.27 8.76
N VAL B 398 -27.50 -11.22 9.51
CA VAL B 398 -28.79 -10.82 8.95
C VAL B 398 -29.34 -9.65 9.78
N VAL B 399 -29.55 -8.51 9.11
CA VAL B 399 -30.05 -7.30 9.78
C VAL B 399 -31.41 -6.88 9.22
N LEU B 400 -32.42 -6.85 10.07
CA LEU B 400 -33.73 -6.32 9.72
C LEU B 400 -33.74 -4.82 9.95
N SER B 401 -33.75 -4.05 8.87
CA SER B 401 -33.68 -2.60 8.92
C SER B 401 -34.53 -1.98 7.82
N ASN B 402 -35.46 -1.12 8.21
CA ASN B 402 -36.33 -0.47 7.23
C ASN B 402 -35.67 0.74 6.59
N THR B 403 -35.25 1.69 7.43
CA THR B 403 -34.56 2.90 6.98
C THR B 403 -33.10 2.64 6.64
N GLY B 404 -32.55 1.56 7.20
CA GLY B 404 -31.14 1.21 6.96
C GLY B 404 -30.19 1.76 8.00
N ARG B 405 -30.75 2.33 9.07
CA ARG B 405 -29.97 2.86 10.18
C ARG B 405 -29.24 1.73 10.91
N SER B 406 -29.96 0.63 11.16
CA SER B 406 -29.39 -0.55 11.79
C SER B 406 -28.28 -1.17 10.96
N ALA B 407 -28.50 -1.22 9.64
CA ALA B 407 -27.54 -1.82 8.72
C ALA B 407 -26.22 -1.04 8.70
N ARG B 408 -26.31 0.29 8.71
CA ARG B 408 -25.13 1.15 8.74
C ARG B 408 -24.35 1.05 10.06
N LEU B 409 -25.09 0.91 11.16
CA LEU B 409 -24.50 0.83 12.49
C LEU B 409 -23.80 -0.51 12.74
N VAL B 410 -24.37 -1.59 12.19
CA VAL B 410 -23.73 -2.90 12.22
C VAL B 410 -22.48 -2.89 11.33
N ALA B 411 -22.62 -2.31 10.14
CA ALA B 411 -21.50 -2.19 9.20
C ALA B 411 -20.34 -1.40 9.79
N LYS B 412 -20.65 -0.46 10.68
CA LYS B 412 -19.66 0.38 11.33
C LYS B 412 -18.66 -0.48 12.10
N TYR B 413 -19.14 -1.53 12.76
CA TYR B 413 -18.28 -2.37 13.60
C TYR B 413 -17.48 -3.44 12.85
N ARG B 414 -17.66 -3.49 11.53
CA ARG B 414 -16.80 -4.27 10.64
C ARG B 414 -16.68 -5.75 11.01
N PRO B 415 -17.70 -6.56 10.69
CA PRO B 415 -17.56 -8.00 10.87
C PRO B 415 -16.61 -8.56 9.82
N ASN B 416 -16.13 -9.78 10.02
CA ASN B 416 -15.29 -10.44 9.01
C ASN B 416 -16.10 -11.42 8.17
N CYS B 417 -17.39 -11.11 8.02
CA CYS B 417 -18.33 -11.90 7.24
C CYS B 417 -19.33 -10.97 6.59
N PRO B 418 -20.01 -11.43 5.52
CA PRO B 418 -21.03 -10.63 4.83
C PRO B 418 -22.19 -10.19 5.74
N ILE B 419 -22.73 -9.00 5.46
CA ILE B 419 -23.95 -8.51 6.13
C ILE B 419 -25.09 -8.51 5.13
N VAL B 420 -26.19 -9.17 5.50
CA VAL B 420 -27.37 -9.23 4.66
C VAL B 420 -28.47 -8.40 5.32
N CYS B 421 -28.90 -7.33 4.65
CA CYS B 421 -29.96 -6.48 5.15
C CYS B 421 -31.30 -6.77 4.48
N VAL B 422 -32.27 -7.21 5.28
CA VAL B 422 -33.64 -7.43 4.80
C VAL B 422 -34.47 -6.19 5.08
N THR B 423 -34.81 -5.47 4.02
CA THR B 423 -35.56 -4.22 4.11
C THR B 423 -36.89 -4.25 3.33
N THR B 424 -37.90 -3.58 3.89
CA THR B 424 -39.21 -3.47 3.28
C THR B 424 -39.26 -2.40 2.20
N ARG B 425 -38.18 -1.63 2.08
CA ARG B 425 -38.13 -0.48 1.17
C ARG B 425 -37.03 -0.64 0.11
N LEU B 426 -37.38 -0.38 -1.15
CA LEU B 426 -36.42 -0.41 -2.26
C LEU B 426 -35.44 0.75 -2.18
N GLN B 427 -35.90 1.88 -1.65
CA GLN B 427 -35.10 3.08 -1.41
C GLN B 427 -33.85 2.74 -0.59
N THR B 428 -34.05 1.95 0.46
CA THR B 428 -32.99 1.51 1.36
C THR B 428 -31.99 0.60 0.64
N CYS B 429 -32.52 -0.29 -0.21
CA CYS B 429 -31.68 -1.18 -1.01
C CYS B 429 -30.67 -0.42 -1.86
N ARG B 430 -31.13 0.65 -2.51
CA ARG B 430 -30.27 1.49 -3.32
C ARG B 430 -29.32 2.32 -2.45
N GLN B 431 -29.81 2.81 -1.32
CA GLN B 431 -29.03 3.69 -0.45
C GLN B 431 -27.91 2.98 0.32
N LEU B 432 -28.08 1.69 0.57
CA LEU B 432 -27.06 0.90 1.28
C LEU B 432 -25.91 0.50 0.37
N ASN B 433 -25.99 0.91 -0.90
CA ASN B 433 -24.95 0.63 -1.88
C ASN B 433 -23.69 1.48 -1.69
N ILE B 434 -23.74 2.43 -0.76
CA ILE B 434 -22.55 3.21 -0.40
C ILE B 434 -21.99 2.81 0.97
N THR B 435 -22.62 1.85 1.62
CA THR B 435 -22.11 1.28 2.86
C THR B 435 -21.42 -0.03 2.55
N GLN B 436 -20.18 -0.17 3.00
CA GLN B 436 -19.37 -1.34 2.68
C GLN B 436 -19.83 -2.60 3.42
N GLY B 437 -19.58 -3.76 2.81
CA GLY B 437 -19.85 -5.06 3.42
C GLY B 437 -21.31 -5.42 3.61
N VAL B 438 -22.21 -4.70 2.93
CA VAL B 438 -23.65 -4.93 3.05
C VAL B 438 -24.27 -5.29 1.69
N GLU B 439 -25.22 -6.22 1.72
CA GLU B 439 -26.01 -6.57 0.55
C GLU B 439 -27.46 -6.59 0.98
N SER B 440 -28.32 -5.93 0.20
CA SER B 440 -29.71 -5.74 0.58
C SER B 440 -30.64 -6.75 -0.09
N VAL B 441 -31.65 -7.17 0.66
CA VAL B 441 -32.70 -8.05 0.16
C VAL B 441 -34.04 -7.36 0.36
N PHE B 442 -34.77 -7.17 -0.74
CA PHE B 442 -36.07 -6.51 -0.68
C PHE B 442 -37.16 -7.49 -0.28
N PHE B 443 -37.95 -7.09 0.71
CA PHE B 443 -39.07 -7.87 1.19
C PHE B 443 -40.32 -7.05 0.92
N ASP B 444 -41.09 -7.47 -0.08
CA ASP B 444 -42.30 -6.76 -0.49
C ASP B 444 -43.41 -6.88 0.55
N ALA B 445 -43.54 -5.84 1.39
CA ALA B 445 -44.52 -5.83 2.47
C ALA B 445 -45.97 -5.78 1.95
N ASP B 446 -46.13 -5.40 0.68
CA ASP B 446 -47.43 -5.35 0.03
C ASP B 446 -47.98 -6.76 -0.22
N LYS B 447 -47.28 -7.52 -1.07
CA LYS B 447 -47.78 -8.82 -1.50
C LYS B 447 -47.26 -10.00 -0.69
N LEU B 448 -46.69 -9.73 0.50
CA LEU B 448 -46.18 -10.80 1.37
C LEU B 448 -46.55 -10.64 2.85
N GLY B 449 -47.05 -9.46 3.22
CA GLY B 449 -47.52 -9.21 4.59
C GLY B 449 -46.59 -8.32 5.40
N HIS B 450 -47.08 -7.89 6.56
CA HIS B 450 -46.31 -7.03 7.48
C HIS B 450 -45.21 -7.77 8.24
N ASP B 451 -45.47 -9.02 8.60
CA ASP B 451 -44.51 -9.91 9.27
C ASP B 451 -43.99 -9.33 10.60
N GLU B 452 -44.90 -9.14 11.56
CA GLU B 452 -44.54 -8.64 12.89
C GLU B 452 -43.76 -9.68 13.69
N GLY B 453 -43.97 -10.96 13.36
CA GLY B 453 -43.23 -12.07 13.96
C GLY B 453 -41.80 -12.13 13.46
N LYS B 454 -41.54 -11.44 12.34
CA LYS B 454 -40.19 -11.25 11.78
C LYS B 454 -39.52 -12.50 11.20
N GLU B 455 -40.07 -13.68 11.46
CA GLU B 455 -39.46 -14.94 11.02
C GLU B 455 -39.44 -15.14 9.49
N HIS B 456 -40.32 -14.43 8.78
CA HIS B 456 -40.35 -14.49 7.32
C HIS B 456 -39.21 -13.67 6.71
N ARG B 457 -39.02 -12.46 7.25
CA ARG B 457 -37.92 -11.59 6.86
C ARG B 457 -36.56 -12.23 7.16
N VAL B 458 -36.45 -12.80 8.36
CA VAL B 458 -35.23 -13.49 8.79
C VAL B 458 -34.91 -14.67 7.86
N ALA B 459 -35.94 -15.47 7.54
CA ALA B 459 -35.78 -16.62 6.66
C ALA B 459 -35.32 -16.23 5.25
N ALA B 460 -35.77 -15.06 4.79
CA ALA B 460 -35.37 -14.52 3.49
C ALA B 460 -33.89 -14.14 3.46
N GLY B 461 -33.40 -13.57 4.57
CA GLY B 461 -32.00 -13.20 4.72
C GLY B 461 -31.08 -14.40 4.73
N VAL B 462 -31.43 -15.40 5.55
CA VAL B 462 -30.69 -16.67 5.60
C VAL B 462 -30.68 -17.34 4.23
N GLU B 463 -31.83 -17.35 3.56
CA GLU B 463 -31.96 -17.92 2.23
C GLU B 463 -31.00 -17.26 1.23
N PHE B 464 -30.87 -15.93 1.33
CA PHE B 464 -29.95 -15.17 0.48
C PHE B 464 -28.49 -15.49 0.80
N ALA B 465 -28.19 -15.63 2.09
CA ALA B 465 -26.83 -15.98 2.53
C ALA B 465 -26.49 -17.41 2.11
N LYS B 466 -27.50 -18.27 2.05
CA LYS B 466 -27.33 -19.65 1.57
C LYS B 466 -27.10 -19.68 0.07
N SER B 467 -27.92 -18.95 -0.68
CA SER B 467 -27.84 -18.93 -2.14
C SER B 467 -26.53 -18.35 -2.67
N LYS B 468 -25.93 -17.43 -1.92
CA LYS B 468 -24.64 -16.84 -2.29
C LYS B 468 -23.47 -17.70 -1.79
N GLY B 469 -23.79 -18.70 -0.98
CA GLY B 469 -22.79 -19.64 -0.46
C GLY B 469 -21.99 -19.14 0.72
N TYR B 470 -22.56 -18.19 1.47
CA TYR B 470 -21.90 -17.67 2.67
C TYR B 470 -22.02 -18.64 3.84
N VAL B 471 -23.21 -19.18 4.03
CA VAL B 471 -23.47 -20.16 5.09
C VAL B 471 -24.11 -21.43 4.56
N GLN B 472 -23.69 -22.57 5.12
CA GLN B 472 -24.31 -23.86 4.84
C GLN B 472 -24.78 -24.48 6.15
N THR B 473 -25.27 -25.72 6.09
CA THR B 473 -25.72 -26.44 7.27
C THR B 473 -24.57 -26.57 8.30
N GLY B 474 -24.86 -26.21 9.55
CA GLY B 474 -23.88 -26.29 10.62
C GLY B 474 -23.20 -24.99 10.94
N ASP B 475 -23.33 -24.01 10.05
CA ASP B 475 -22.71 -22.69 10.22
C ASP B 475 -23.56 -21.78 11.11
N TYR B 476 -22.88 -20.89 11.83
CA TYR B 476 -23.55 -19.90 12.67
C TYR B 476 -23.85 -18.62 11.88
N CYS B 477 -24.95 -17.97 12.27
CA CYS B 477 -25.38 -16.75 11.61
C CYS B 477 -26.07 -15.83 12.61
N VAL B 478 -25.44 -14.69 12.89
CA VAL B 478 -25.98 -13.73 13.85
C VAL B 478 -27.08 -12.89 13.21
N VAL B 479 -28.27 -12.95 13.81
CA VAL B 479 -29.43 -12.19 13.34
C VAL B 479 -29.70 -11.05 14.33
N ILE B 480 -29.98 -9.87 13.80
CA ILE B 480 -30.24 -8.69 14.63
C ILE B 480 -31.35 -7.80 14.06
N HIS B 481 -32.38 -7.58 14.87
CA HIS B 481 -33.42 -6.62 14.58
C HIS B 481 -33.43 -5.54 15.67
N ALA B 482 -33.28 -4.27 15.29
CA ALA B 482 -33.20 -3.17 16.25
C ALA B 482 -33.82 -1.85 15.75
N ASP B 483 -35.15 -1.81 15.69
CA ASP B 483 -35.88 -0.63 15.24
C ASP B 483 -36.12 0.36 16.37
N ALA B 490 -37.19 -1.33 19.88
CA ALA B 490 -37.59 -2.72 20.15
C ALA B 490 -36.65 -3.71 19.46
N ASN B 491 -35.50 -3.97 20.11
CA ASN B 491 -34.43 -4.77 19.52
C ASN B 491 -34.34 -6.23 20.00
N GLN B 492 -33.56 -7.03 19.27
CA GLN B 492 -33.33 -8.45 19.58
C GLN B 492 -32.11 -9.00 18.83
N THR B 493 -31.44 -9.97 19.43
CA THR B 493 -30.26 -10.60 18.82
C THR B 493 -30.35 -12.13 18.91
N ARG B 494 -30.25 -12.79 17.77
CA ARG B 494 -30.29 -14.25 17.72
C ARG B 494 -29.03 -14.82 17.10
N ILE B 495 -28.44 -15.81 17.75
CA ILE B 495 -27.39 -16.60 17.12
C ILE B 495 -28.06 -17.87 16.59
N LEU B 496 -28.24 -17.92 15.28
CA LEU B 496 -29.00 -18.99 14.64
C LEU B 496 -28.08 -20.01 13.98
N LEU B 497 -28.34 -21.28 14.25
CA LEU B 497 -27.65 -22.37 13.59
C LEU B 497 -28.37 -22.70 12.28
N VAL B 498 -27.61 -22.76 11.19
CA VAL B 498 -28.18 -22.98 9.85
C VAL B 498 -28.43 -24.48 9.59
N GLU B 499 -29.64 -24.79 9.14
CA GLU B 499 -30.05 -26.16 8.83
C GLU B 499 -29.72 -26.57 7.39
CAA QV6 C . 22.85 5.27 -27.42
CAB QV6 C . 23.50 3.96 -21.35
CAC QV6 C . 19.56 1.85 -29.14
CAD QV6 C . 27.52 0.98 -20.58
CAE QV6 C . 28.13 5.58 -22.61
OAF QV6 C . 20.42 8.16 -24.69
OAG QV6 C . 24.73 8.13 -21.69
OAH QV6 C . 17.53 1.35 -26.22
OAI QV6 C . 16.49 3.57 -26.33
OAJ QV6 C . 29.80 1.71 -21.00
OAK QV6 C . 29.90 2.95 -23.12
OAL QV6 C . 16.89 2.31 -28.32
OAM QV6 C . 30.18 4.08 -21.04
CAN QV6 C . 21.25 11.50 -22.45
CAO QV6 C . 22.39 11.48 -21.67
CAP QV6 C . 22.76 4.79 -24.72
CAQ QV6 C . 23.91 4.79 -23.93
CAR QV6 C . 20.93 10.38 -23.23
CAS QV6 C . 23.21 10.37 -21.65
CAT QV6 C . 21.15 3.58 -28.22
CAU QV6 C . 25.55 2.52 -20.99
CAV QV6 C . 19.32 4.37 -26.28
NAW QV6 C . 20.85 5.95 -25.48
NAX QV6 C . 25.33 5.87 -22.40
CAY QV6 C . 21.48 4.60 -27.33
CAZ QV6 C . 25.01 3.72 -21.44
CBA QV6 C . 19.91 2.96 -28.14
CBB QV6 C . 26.93 2.31 -21.08
CBC QV6 C . 27.21 4.50 -22.04
CBD QV6 C . 20.56 4.98 -26.35
CBE QV6 C . 21.94 5.92 -24.73
CBF QV6 C . 24.23 5.89 -23.15
CBG QV6 C . 25.84 4.71 -21.97
CBH QV6 C . 18.99 3.36 -27.17
CBI QV6 C . 27.75 3.29 -21.60
CBJ QV6 C . 21.43 8.16 -23.98
CBK QV6 C . 23.71 8.14 -22.40
CBL QV6 C . 21.74 9.27 -23.21
CBM QV6 C . 22.89 9.25 -22.43
CBN QV6 C . 22.26 7.03 -23.96
CBO QV6 C . 23.41 7.02 -23.17
SBP QV6 C . 17.41 2.61 -27.02
SBQ QV6 C . 29.48 3.01 -21.68
CAA QV6 D . 22.58 9.64 -18.37
CAB QV6 D . 21.44 1.14 -17.84
CAC QV6 D . 18.05 9.85 -20.52
CAD QV6 D . 17.60 -0.07 -14.90
CAE QV6 D . 21.31 3.04 -13.11
OAF QV6 D . 25.22 6.50 -19.28
OAG QV6 D . 24.91 2.54 -15.82
OAH QV6 D . 18.28 5.36 -21.32
OAI QV6 D . 16.78 7.24 -20.87
OAJ QV6 D . 17.30 0.96 -12.44
OAK QV6 D . 19.49 1.03 -11.34
OAL QV6 D . 18.18 7.24 -22.82
OAM QV6 D . 18.42 3.01 -12.13
CAN QV6 D . 28.69 4.58 -18.23
CAO QV6 D . 28.62 3.53 -17.31
CAP QV6 D . 21.48 5.49 -17.75
CAQ QV6 D . 21.42 4.44 -16.84
CAR QV6 D . 27.53 5.26 -18.61
CAS QV6 D . 27.38 3.16 -16.78
CAT QV6 D . 20.32 9.63 -19.48
CAU QV6 D . 19.57 0.62 -16.25
CAV QV6 D . 20.56 6.96 -20.22
NAW QV6 D . 22.71 6.90 -19.19
NAX QV6 D . 22.47 2.75 -15.58
CAY QV6 D . 21.47 8.93 -19.14
CAZ QV6 D . 20.77 1.29 -16.46
CBA QV6 D . 19.28 9.02 -20.18
CBB QV6 D . 18.91 0.71 -15.04
CBC QV6 D . 20.67 2.16 -14.21
CBD QV6 D . 21.60 7.58 -19.51
CBE QV6 D . 22.71 5.89 -18.30
CBF QV6 D . 22.58 3.77 -16.46
CBG QV6 D . 21.33 2.08 -15.44
CBH QV6 D . 19.41 7.67 -20.55
CBI QV6 D . 19.45 1.48 -14.00
CBJ QV6 D . 25.13 5.58 -18.47
CBK QV6 D . 24.98 3.47 -16.62
CBL QV6 D . 26.29 4.90 -18.08
CBM QV6 D . 26.21 3.85 -17.16
CBN QV6 D . 23.88 5.21 -17.93
CBO QV6 D . 23.82 4.15 -17.01
SBP QV6 D . 18.12 6.85 -21.44
SBQ QV6 D . 18.64 1.64 -12.42
K K E . 20.73 -5.45 -10.64
K K F . 4.54 10.33 15.14
P PO4 G . 26.35 -4.72 20.29
O1 PO4 G . 27.39 -4.24 19.31
O2 PO4 G . 24.98 -4.37 19.77
O3 PO4 G . 26.44 -6.22 20.46
O4 PO4 G . 26.57 -4.03 21.61
K K H . -19.16 18.43 -9.93
K K I . -10.14 -10.23 5.62
P PO4 J . -34.14 0.75 11.33
O1 PO4 J . -33.13 1.28 10.33
O2 PO4 J . -35.52 0.79 10.72
O3 PO4 J . -33.79 -0.67 11.69
O4 PO4 J . -34.09 1.61 12.58
#